data_8Y9L
#
_entry.id   8Y9L
#
_cell.length_a   1.00
_cell.length_b   1.00
_cell.length_c   1.00
_cell.angle_alpha   90.00
_cell.angle_beta   90.00
_cell.angle_gamma   90.00
#
_symmetry.space_group_name_H-M   'P 1'
#
loop_
_entity.id
_entity.type
_entity.pdbx_description
1 polymer Cas12h1
2 polymer crRNA
3 non-polymer 'MAGNESIUM ION'
#
loop_
_entity_poly.entity_id
_entity_poly.type
_entity_poly.pdbx_seq_one_letter_code
_entity_poly.pdbx_strand_id
1 'polypeptide(L)'
;MKVHEIPRSQLLKIKQYEGSFVEWYRDLQEDRKKFASLLFRWAAFGYAAREDDGATYISPSQALLERRLLLGDAEDVAIK
FLDVLFKGGAPSSSCYSLFYEDFALRDKAKYSGAKREFIEGLATMPLDKIIERIRQDEQLSKIPAEEWLILGAEYSPEEI
WEQVAPRIVNVDRSLGKQLRERLGIKCRRPHDAGYCKILMEVVARQLRSHNETYHEYLNQTHEMKTKVANNLTNEFDLVC
EFAEVLEEKNYGLGWYVLWQGVKQALKEQKKPTKIQIAVDQLRQPKFAGLLTAKWRALKGAYDTWKLKKRLEKRKAFPYM
PNWDNDYQIPVGLTGLGVFTLEVKRTEVVVDLKEHGKLFCSHSHYFGDLTAEKHPSRYHLKFRHKLKLRKRDSRVEPTIG
PWIEAALREITIQKKPNGVFYLGLPYALSHGIDNFQIAKRFFSAAKPDKEVINGLPSEMVVGAADLNLSNIVAPVKARIG
KGLEGPLHALDYGYGELIDGPKILTPDGPRCGELISLKRDIVEIKSAIKEFKACQREGLTMSEETTTWLSEVESPSDSPR
CMIQSRIADTSRRLNSFKYQMNKEGYQDLAEALRLLDAMDSYNSLLESYQRMHLSPGEQSPKEAKFDTKRASFRDLLRRR
VAHTIVEYFDDCDIVFFEDLDGPSDSDSRNNALVKLLSPRTLLLYIRQALEKRGIGMVEVAKDGTSQNNPISGHVGWRNK
QNKSEIYFYEDKELLVMDADEVGAMNILCRGLNHSVCPYSFVTKAPEKKNDEKKEGDYGKRVKRFLKDRYGSSNVRFLVA
SMGFVTVTTKRPKDALVGKRLYYHGGELVTHDLHNRMKDEIKYLVEKEVLARRVSLSDSTIKSYKSFAHV
;
A
2 'polyribonucleotide' GUGCUGGCCGCUCUCGCUAGAGGGAGGUCAGAGCACAUAAUAUCAAUGGAAUAUAGCAAGCU B
#
# COMPACT_ATOMS: atom_id res chain seq x y z
N HIS A 4 19.51 -11.17 -11.69
CA HIS A 4 18.45 -11.93 -11.00
C HIS A 4 19.05 -12.34 -9.66
N GLU A 5 19.36 -11.33 -8.83
CA GLU A 5 19.84 -11.42 -7.43
C GLU A 5 18.92 -10.46 -6.66
N ILE A 6 18.11 -10.97 -5.72
CA ILE A 6 17.12 -10.16 -4.96
C ILE A 6 17.82 -9.71 -3.69
N PRO A 7 18.02 -8.42 -3.30
CA PRO A 7 18.55 -8.01 -1.98
C PRO A 7 17.75 -8.21 -0.69
N ARG A 8 18.35 -8.71 0.39
CA ARG A 8 17.66 -8.87 1.66
C ARG A 8 18.69 -8.70 2.77
N SER A 9 18.22 -8.52 4.01
CA SER A 9 19.14 -8.31 5.12
C SER A 9 18.48 -8.68 6.43
N GLN A 10 19.32 -8.90 7.44
CA GLN A 10 18.88 -9.18 8.81
C GLN A 10 20.08 -8.98 9.73
N LEU A 11 19.82 -9.06 11.03
CA LEU A 11 20.74 -8.56 12.04
C LEU A 11 21.20 -9.67 12.99
N LEU A 12 22.42 -9.51 13.49
CA LEU A 12 22.95 -10.32 14.59
C LEU A 12 23.40 -9.37 15.70
N LYS A 13 23.24 -9.79 16.95
CA LYS A 13 23.55 -8.96 18.10
C LYS A 13 25.01 -9.15 18.47
N ILE A 14 25.69 -8.03 18.76
CA ILE A 14 27.11 -8.05 19.10
C ILE A 14 27.25 -8.13 20.61
N LYS A 15 27.90 -9.19 21.09
CA LYS A 15 28.05 -9.44 22.52
C LYS A 15 29.26 -8.73 23.12
N GLN A 16 30.44 -8.93 22.55
CA GLN A 16 31.68 -8.43 23.11
C GLN A 16 32.44 -7.64 22.04
N TYR A 17 33.53 -7.02 22.46
CA TYR A 17 34.39 -6.29 21.54
C TYR A 17 35.80 -6.25 22.09
N GLU A 18 36.76 -6.01 21.18
CA GLU A 18 38.18 -6.00 21.52
C GLU A 18 38.85 -4.89 20.73
N GLY A 19 40.06 -4.53 21.16
CA GLY A 19 40.83 -3.53 20.46
C GLY A 19 40.26 -2.13 20.62
N SER A 20 40.60 -1.28 19.66
CA SER A 20 40.11 0.10 19.65
C SER A 20 38.87 0.20 18.77
N PHE A 21 37.81 -0.47 19.20
CA PHE A 21 36.58 -0.52 18.42
C PHE A 21 35.66 0.65 18.74
N VAL A 22 35.42 0.92 20.02
CA VAL A 22 34.46 1.96 20.40
C VAL A 22 34.97 3.34 19.98
N GLU A 23 36.29 3.56 20.07
CA GLU A 23 36.85 4.82 19.58
C GLU A 23 36.60 4.97 18.09
N TRP A 24 36.79 3.89 17.32
CA TRP A 24 36.53 3.91 15.89
C TRP A 24 35.08 4.28 15.61
N TYR A 25 34.14 3.60 16.27
CA TYR A 25 32.73 3.85 16.04
C TYR A 25 32.34 5.28 16.42
N ARG A 26 32.80 5.75 17.58
CA ARG A 26 32.45 7.09 18.04
C ARG A 26 33.02 8.16 17.11
N ASP A 27 34.26 8.00 16.67
CA ASP A 27 34.84 8.98 15.75
C ASP A 27 34.06 9.00 14.44
N LEU A 28 33.72 7.83 13.90
CA LEU A 28 32.96 7.80 12.65
C LEU A 28 31.62 8.51 12.81
N GLN A 29 30.92 8.23 13.90
CA GLN A 29 29.59 8.83 14.08
C GLN A 29 29.67 10.33 14.30
N GLU A 30 30.66 10.80 15.07
CA GLU A 30 30.80 12.24 15.30
C GLU A 30 31.14 12.97 14.01
N ASP A 31 32.06 12.44 13.21
CA ASP A 31 32.38 13.09 11.95
C ASP A 31 31.19 13.08 11.00
N ARG A 32 30.42 11.98 10.99
CA ARG A 32 29.21 11.96 10.16
C ARG A 32 28.24 13.04 10.57
N LYS A 33 27.99 13.17 11.88
CA LYS A 33 27.06 14.19 12.36
C LYS A 33 27.54 15.59 12.01
N LYS A 34 28.84 15.84 12.15
CA LYS A 34 29.37 17.17 11.85
C LYS A 34 29.28 17.50 10.37
N PHE A 35 29.59 16.53 9.50
CA PHE A 35 29.75 16.85 8.08
C PHE A 35 28.47 16.69 7.26
N ALA A 36 27.51 15.89 7.73
CA ALA A 36 26.23 15.83 7.04
C ALA A 36 25.55 17.19 7.07
N SER A 37 25.69 17.92 8.17
CA SER A 37 25.11 19.26 8.27
C SER A 37 25.65 20.18 7.17
N LEU A 38 26.98 20.25 7.05
CA LEU A 38 27.58 21.14 6.07
C LEU A 38 27.24 20.71 4.65
N LEU A 39 27.37 19.42 4.35
CA LEU A 39 27.07 18.95 3.00
C LEU A 39 25.58 18.97 2.68
N PHE A 40 24.72 19.10 3.69
CA PHE A 40 23.29 19.27 3.42
C PHE A 40 22.95 20.72 3.18
N ARG A 41 23.46 21.62 4.00
CA ARG A 41 23.23 23.04 3.76
C ARG A 41 23.93 23.53 2.51
N TRP A 42 24.90 22.78 1.98
CA TRP A 42 25.35 23.03 0.62
C TRP A 42 24.21 22.85 -0.38
N ALA A 43 23.38 21.83 -0.17
CA ALA A 43 22.21 21.59 -1.00
C ALA A 43 21.13 22.59 -0.62
N ALA A 44 20.62 23.33 -1.60
CA ALA A 44 19.52 24.23 -1.32
C ALA A 44 18.24 23.42 -1.10
N PHE A 45 17.96 23.07 0.14
CA PHE A 45 16.79 22.29 0.50
C PHE A 45 15.89 23.09 1.42
N GLY A 46 14.61 23.16 1.08
CA GLY A 46 13.63 23.77 1.94
C GLY A 46 13.24 22.83 3.06
N TYR A 47 13.04 23.38 4.25
CA TYR A 47 12.70 22.56 5.40
C TYR A 47 11.88 23.39 6.37
N ALA A 48 11.14 22.70 7.22
CA ALA A 48 10.31 23.32 8.25
C ALA A 48 11.05 23.25 9.57
N ALA A 49 11.11 24.37 10.29
CA ALA A 49 11.79 24.39 11.59
C ALA A 49 11.08 23.45 12.56
N ARG A 50 11.87 22.62 13.24
CA ARG A 50 11.32 21.64 14.16
C ARG A 50 10.97 22.20 15.53
N GLU A 51 11.37 23.44 15.82
CA GLU A 51 11.18 24.01 17.15
C GLU A 51 9.78 24.53 17.40
N ASP A 52 8.91 24.57 16.38
CA ASP A 52 7.52 24.96 16.58
C ASP A 52 6.57 24.06 15.82
N ASP A 53 6.91 22.77 15.72
CA ASP A 53 6.09 21.78 14.99
C ASP A 53 5.83 22.23 13.55
N GLY A 54 6.87 22.77 12.91
CA GLY A 54 6.77 23.14 11.51
C GLY A 54 5.90 24.33 11.22
N ALA A 55 5.66 25.19 12.21
CA ALA A 55 4.83 26.37 11.98
C ALA A 55 5.47 27.30 10.96
N THR A 56 6.78 27.50 11.05
CA THR A 56 7.53 28.27 10.07
C THR A 56 8.34 27.31 9.21
N TYR A 57 9.13 27.88 8.29
CA TYR A 57 9.94 27.09 7.38
C TYR A 57 11.02 27.98 6.79
N ILE A 58 11.86 27.41 5.95
CA ILE A 58 12.88 28.14 5.21
C ILE A 58 12.66 27.88 3.73
N SER A 59 12.34 28.94 2.99
CA SER A 59 12.10 28.82 1.57
C SER A 59 13.38 28.48 0.84
N PRO A 60 13.29 27.82 -0.32
CA PRO A 60 14.51 27.53 -1.09
C PRO A 60 15.26 28.78 -1.52
N SER A 61 14.58 29.92 -1.63
CA SER A 61 15.28 31.16 -1.95
C SER A 61 16.11 31.65 -0.76
N GLN A 62 15.54 31.57 0.45
CA GLN A 62 16.33 31.86 1.64
C GLN A 62 17.49 30.88 1.78
N ALA A 63 17.25 29.61 1.45
CA ALA A 63 18.31 28.62 1.48
C ALA A 63 19.41 28.96 0.47
N LEU A 64 19.01 29.43 -0.72
CA LEU A 64 20.01 29.82 -1.71
C LEU A 64 20.82 31.01 -1.24
N LEU A 65 20.16 31.98 -0.59
CA LEU A 65 20.90 33.13 -0.05
C LEU A 65 21.87 32.69 1.03
N GLU A 66 21.45 31.80 1.93
CA GLU A 66 22.34 31.32 2.98
C GLU A 66 23.50 30.53 2.39
N ARG A 67 23.24 29.71 1.37
CA ARG A 67 24.30 28.97 0.71
C ARG A 67 25.32 29.92 0.09
N ARG A 68 24.84 30.96 -0.59
CA ARG A 68 25.77 31.95 -1.16
C ARG A 68 26.53 32.68 -0.06
N LEU A 69 25.92 32.83 1.12
CA LEU A 69 26.63 33.41 2.24
C LEU A 69 27.77 32.50 2.71
N LEU A 70 27.52 31.20 2.77
CA LEU A 70 28.52 30.28 3.31
C LEU A 70 29.65 30.02 2.32
N LEU A 71 29.31 29.43 1.16
CA LEU A 71 30.34 29.00 0.22
C LEU A 71 31.05 30.19 -0.41
N GLY A 72 30.30 31.22 -0.78
CA GLY A 72 30.89 32.37 -1.42
C GLY A 72 31.31 32.12 -2.86
N ASP A 73 32.61 32.05 -3.10
CA ASP A 73 33.12 31.89 -4.46
C ASP A 73 33.18 30.45 -4.92
N ALA A 74 32.78 29.49 -4.10
CA ALA A 74 32.89 28.08 -4.42
C ALA A 74 31.52 27.41 -4.56
N GLU A 75 30.55 28.12 -5.13
CA GLU A 75 29.22 27.52 -5.30
C GLU A 75 29.23 26.44 -6.38
N ASP A 76 29.83 26.73 -7.53
CA ASP A 76 29.72 25.85 -8.68
C ASP A 76 30.42 24.52 -8.46
N VAL A 77 31.62 24.56 -7.88
CA VAL A 77 32.37 23.33 -7.65
C VAL A 77 31.61 22.42 -6.69
N ALA A 78 31.05 23.00 -5.63
CA ALA A 78 30.23 22.21 -4.72
C ALA A 78 28.97 21.70 -5.39
N ILE A 79 28.41 22.48 -6.32
CA ILE A 79 27.22 22.02 -7.04
C ILE A 79 27.53 20.76 -7.84
N LYS A 80 28.62 20.79 -8.61
CA LYS A 80 28.99 19.58 -9.35
C LYS A 80 29.34 18.42 -8.42
N PHE A 81 30.08 18.69 -7.34
CA PHE A 81 30.44 17.63 -6.41
C PHE A 81 29.20 16.97 -5.82
N LEU A 82 28.24 17.77 -5.38
CA LEU A 82 27.06 17.22 -4.73
C LEU A 82 26.16 16.54 -5.76
N ASP A 83 26.15 17.03 -7.01
CA ASP A 83 25.39 16.37 -8.05
C ASP A 83 25.95 14.99 -8.35
N VAL A 84 27.28 14.88 -8.47
CA VAL A 84 27.87 13.57 -8.74
C VAL A 84 27.79 12.67 -7.52
N LEU A 85 27.68 13.23 -6.32
CA LEU A 85 27.42 12.41 -5.15
C LEU A 85 26.01 11.84 -5.18
N PHE A 86 25.02 12.69 -5.47
CA PHE A 86 23.63 12.22 -5.49
C PHE A 86 23.40 11.20 -6.60
N LYS A 87 24.02 11.42 -7.76
CA LYS A 87 23.85 10.46 -8.86
C LYS A 87 24.46 9.11 -8.50
N GLY A 88 25.67 9.11 -7.95
CA GLY A 88 26.30 7.88 -7.52
C GLY A 88 26.90 7.09 -8.66
N GLY A 89 27.25 5.85 -8.34
CA GLY A 89 27.82 4.93 -9.31
C GLY A 89 29.33 4.86 -9.21
N ALA A 90 29.91 4.26 -10.25
CA ALA A 90 31.36 4.11 -10.30
C ALA A 90 32.13 5.43 -10.26
N PRO A 91 31.71 6.50 -10.95
CA PRO A 91 32.42 7.78 -10.78
C PRO A 91 32.48 8.25 -9.33
N SER A 92 31.43 8.00 -8.54
CA SER A 92 31.43 8.38 -7.14
C SER A 92 32.09 7.35 -6.24
N SER A 93 32.51 6.21 -6.79
CA SER A 93 33.12 5.14 -6.00
C SER A 93 34.61 5.35 -5.78
N SER A 94 35.23 6.29 -6.49
CA SER A 94 36.64 6.61 -6.32
C SER A 94 36.87 8.04 -5.87
N CYS A 95 35.84 8.70 -5.35
CA CYS A 95 35.93 10.11 -4.97
C CYS A 95 35.69 10.32 -3.48
N TYR A 96 36.28 9.47 -2.64
CA TYR A 96 36.24 9.65 -1.19
C TYR A 96 37.24 10.67 -0.69
N SER A 97 37.78 11.51 -1.58
CA SER A 97 38.85 12.43 -1.24
C SER A 97 38.40 13.55 -0.33
N LEU A 98 37.12 13.62 0.04
CA LEU A 98 36.64 14.71 0.88
C LEU A 98 37.28 14.70 2.25
N PHE A 99 37.79 13.55 2.70
CA PHE A 99 38.38 13.43 4.03
C PHE A 99 39.77 12.80 4.05
N TYR A 100 40.08 11.90 3.14
CA TYR A 100 41.38 11.24 3.12
C TYR A 100 42.44 12.22 2.61
N GLU A 101 43.52 12.40 3.37
CA GLU A 101 44.54 13.36 2.99
C GLU A 101 45.29 12.97 1.73
N ASP A 102 45.19 11.72 1.29
CA ASP A 102 45.94 11.26 0.12
C ASP A 102 45.00 10.66 -0.92
N SER A 174 37.54 13.36 -7.84
CA SER A 174 38.63 14.30 -7.53
C SER A 174 38.07 15.66 -7.14
N LEU A 175 36.77 15.84 -7.33
CA LEU A 175 36.15 17.12 -7.03
C LEU A 175 36.23 17.48 -5.55
N GLY A 176 36.08 16.48 -4.67
CA GLY A 176 36.16 16.75 -3.25
C GLY A 176 37.57 17.04 -2.77
N LYS A 177 38.57 16.78 -3.60
CA LYS A 177 39.95 17.06 -3.21
C LYS A 177 40.24 18.56 -3.20
N GLN A 178 39.80 19.26 -4.25
CA GLN A 178 40.19 20.67 -4.38
C GLN A 178 39.41 21.58 -3.44
N LEU A 179 38.18 21.23 -3.08
CA LEU A 179 37.43 22.12 -2.18
C LEU A 179 37.95 22.03 -0.76
N ARG A 180 38.68 20.97 -0.41
CA ARG A 180 39.34 20.92 0.88
C ARG A 180 40.38 22.04 0.99
N GLU A 181 41.14 22.26 -0.08
CA GLU A 181 42.13 23.34 -0.09
C GLU A 181 41.49 24.72 -0.09
N ARG A 182 40.18 24.81 -0.33
CA ARG A 182 39.48 26.09 -0.32
C ARG A 182 38.69 26.34 0.96
N LEU A 183 38.25 25.29 1.64
CA LEU A 183 37.53 25.44 2.90
C LEU A 183 38.31 24.94 4.11
N GLY A 184 39.33 24.10 3.91
CA GLY A 184 40.11 23.60 5.03
C GLY A 184 39.35 22.69 5.97
N ILE A 185 38.58 21.74 5.43
CA ILE A 185 37.80 20.81 6.24
C ILE A 185 38.63 19.56 6.49
N LYS A 186 38.65 19.11 7.75
CA LYS A 186 39.40 17.92 8.14
C LYS A 186 38.55 17.08 9.10
N CYS A 187 38.81 15.77 9.08
CA CYS A 187 38.12 14.83 9.95
C CYS A 187 39.01 14.40 11.11
N ARG A 188 38.46 13.55 11.97
CA ARG A 188 39.19 13.11 13.15
C ARG A 188 40.42 12.30 12.79
N ARG A 189 40.30 11.42 11.79
CA ARG A 189 41.40 10.57 11.34
C ARG A 189 41.58 10.74 9.84
N PRO A 190 42.21 11.83 9.41
CA PRO A 190 42.47 12.04 7.99
C PRO A 190 43.57 11.16 7.41
N HIS A 191 44.11 10.23 8.18
CA HIS A 191 45.22 9.39 7.75
C HIS A 191 44.82 7.95 7.52
N ASP A 192 43.56 7.60 7.76
CA ASP A 192 43.07 6.23 7.64
C ASP A 192 42.14 6.14 6.44
N ALA A 193 42.59 5.46 5.39
CA ALA A 193 41.81 5.41 4.15
C ALA A 193 40.46 4.74 4.36
N GLY A 194 40.44 3.63 5.11
CA GLY A 194 39.18 2.98 5.37
C GLY A 194 38.23 3.84 6.18
N TYR A 195 38.75 4.54 7.18
CA TYR A 195 37.91 5.42 7.99
C TYR A 195 37.20 6.44 7.12
N CYS A 196 37.93 7.10 6.22
CA CYS A 196 37.34 8.08 5.33
C CYS A 196 36.38 7.42 4.34
N LYS A 197 36.71 6.21 3.88
CA LYS A 197 35.84 5.51 2.94
C LYS A 197 34.46 5.26 3.54
N ILE A 198 34.42 4.62 4.71
CA ILE A 198 33.14 4.43 5.37
C ILE A 198 32.48 5.76 5.72
N LEU A 199 33.28 6.77 6.09
CA LEU A 199 32.67 8.05 6.47
C LEU A 199 31.89 8.65 5.31
N MET A 200 32.51 8.73 4.13
CA MET A 200 31.80 9.32 2.99
C MET A 200 30.68 8.41 2.50
N GLU A 201 30.83 7.09 2.64
CA GLU A 201 29.72 6.21 2.32
C GLU A 201 28.50 6.50 3.18
N VAL A 202 28.70 6.65 4.49
CA VAL A 202 27.59 6.94 5.38
C VAL A 202 26.98 8.30 5.04
N VAL A 203 27.83 9.31 4.78
CA VAL A 203 27.33 10.65 4.45
C VAL A 203 26.47 10.61 3.20
N ALA A 204 26.98 9.99 2.13
CA ALA A 204 26.26 9.95 0.87
C ALA A 204 24.95 9.18 1.01
N ARG A 205 24.97 8.05 1.73
CA ARG A 205 23.75 7.28 1.90
C ARG A 205 22.71 8.08 2.68
N GLN A 206 23.13 8.81 3.70
CA GLN A 206 22.15 9.57 4.49
C GLN A 206 21.56 10.71 3.67
N LEU A 207 22.35 11.35 2.81
CA LEU A 207 21.80 12.43 2.00
C LEU A 207 20.88 11.90 0.90
N ARG A 208 21.24 10.76 0.30
CA ARG A 208 20.39 10.15 -0.71
C ARG A 208 19.08 9.63 -0.15
N SER A 209 19.08 9.14 1.09
CA SER A 209 17.83 8.69 1.69
C SER A 209 16.84 9.82 1.90
N HIS A 210 17.31 11.07 1.92
CA HIS A 210 16.46 12.23 2.13
C HIS A 210 16.09 12.97 0.86
N ASN A 211 16.99 13.01 -0.13
CA ASN A 211 16.68 13.73 -1.36
C ASN A 211 15.49 13.12 -2.09
N GLU A 212 15.43 11.79 -2.16
CA GLU A 212 14.32 11.13 -2.84
C GLU A 212 12.99 11.45 -2.17
N THR A 213 12.99 11.41 -0.83
CA THR A 213 11.78 11.74 -0.08
C THR A 213 11.38 13.19 -0.31
N TYR A 214 12.35 14.09 -0.36
CA TYR A 214 12.04 15.51 -0.60
C TYR A 214 11.35 15.69 -1.95
N HIS A 215 11.91 15.09 -3.01
CA HIS A 215 11.27 15.22 -4.32
C HIS A 215 9.87 14.61 -4.34
N GLU A 216 9.71 13.41 -3.75
CA GLU A 216 8.37 12.82 -3.82
C GLU A 216 7.38 13.62 -2.99
N TYR A 217 7.84 14.25 -1.89
CA TYR A 217 6.98 15.11 -1.09
C TYR A 217 6.49 16.30 -1.89
N LEU A 218 7.41 16.97 -2.60
CA LEU A 218 7.00 18.13 -3.40
C LEU A 218 6.07 17.71 -4.52
N ASN A 219 6.35 16.58 -5.17
CA ASN A 219 5.47 16.11 -6.23
C ASN A 219 4.08 15.81 -5.70
N GLN A 220 3.99 15.15 -4.55
CA GLN A 220 2.70 14.82 -3.98
C GLN A 220 1.91 16.07 -3.61
N THR A 221 2.58 17.07 -3.02
CA THR A 221 1.85 18.28 -2.65
C THR A 221 1.36 19.02 -3.88
N HIS A 222 2.16 19.06 -4.95
CA HIS A 222 1.71 19.73 -6.16
C HIS A 222 0.52 19.01 -6.79
N GLU A 223 0.59 17.68 -6.90
CA GLU A 223 -0.51 16.93 -7.48
C GLU A 223 -1.77 17.08 -6.64
N MET A 224 -1.62 17.04 -5.31
CA MET A 224 -2.77 17.11 -4.42
C MET A 224 -3.38 18.50 -4.42
N LYS A 225 -2.60 19.55 -4.70
CA LYS A 225 -3.18 20.88 -4.89
C LYS A 225 -3.90 20.99 -6.23
N THR A 226 -3.27 20.49 -7.30
CA THR A 226 -3.89 20.60 -8.62
C THR A 226 -5.17 19.78 -8.71
N LYS A 227 -5.30 18.75 -7.88
CA LYS A 227 -6.57 18.00 -7.85
C LYS A 227 -7.71 18.90 -7.39
N VAL A 228 -7.47 19.70 -6.35
CA VAL A 228 -8.50 20.64 -5.89
C VAL A 228 -8.70 21.77 -6.90
N ALA A 229 -7.62 22.24 -7.53
CA ALA A 229 -7.72 23.37 -8.45
C ALA A 229 -8.61 23.05 -9.65
N ASN A 230 -8.73 21.76 -10.00
CA ASN A 230 -9.54 21.37 -11.15
C ASN A 230 -10.98 21.06 -10.80
N ASN A 231 -11.34 20.99 -9.52
CA ASN A 231 -12.68 20.58 -9.10
C ASN A 231 -13.36 21.74 -8.38
N LEU A 232 -14.07 22.58 -9.14
CA LEU A 232 -14.82 23.70 -8.58
C LEU A 232 -16.25 23.65 -9.09
N THR A 233 -17.20 23.93 -8.19
CA THR A 233 -18.62 23.97 -8.51
C THR A 233 -19.34 24.68 -7.38
N ASN A 234 -20.61 24.99 -7.61
CA ASN A 234 -21.39 25.64 -6.57
C ASN A 234 -21.57 24.73 -5.35
N GLU A 235 -21.64 23.42 -5.58
CA GLU A 235 -21.74 22.48 -4.47
C GLU A 235 -20.51 22.57 -3.55
N PHE A 236 -19.32 22.70 -4.13
CA PHE A 236 -18.11 22.79 -3.32
C PHE A 236 -18.15 24.01 -2.40
N ASP A 237 -18.50 25.17 -2.95
CA ASP A 237 -18.55 26.38 -2.14
C ASP A 237 -19.66 26.31 -1.10
N LEU A 238 -20.82 25.75 -1.47
CA LEU A 238 -21.91 25.65 -0.51
C LEU A 238 -21.55 24.71 0.63
N VAL A 239 -20.86 23.61 0.33
CA VAL A 239 -20.41 22.70 1.39
C VAL A 239 -19.33 23.37 2.24
N CYS A 240 -18.48 24.20 1.65
CA CYS A 240 -17.52 24.96 2.45
C CYS A 240 -18.25 25.88 3.43
N GLU A 241 -19.29 26.57 2.96
CA GLU A 241 -20.09 27.43 3.84
C GLU A 241 -20.77 26.62 4.93
N PHE A 242 -21.31 25.45 4.57
CA PHE A 242 -21.92 24.56 5.55
C PHE A 242 -20.91 24.13 6.60
N ALA A 243 -19.68 23.84 6.19
CA ALA A 243 -18.63 23.45 7.12
C ALA A 243 -18.28 24.59 8.06
N GLU A 244 -18.20 25.82 7.53
CA GLU A 244 -17.91 26.96 8.39
C GLU A 244 -19.02 27.17 9.41
N VAL A 245 -20.28 27.02 8.99
CA VAL A 245 -21.39 27.16 9.92
C VAL A 245 -21.33 26.08 11.00
N LEU A 246 -21.02 24.84 10.59
CA LEU A 246 -20.92 23.75 11.57
C LEU A 246 -19.78 24.00 12.55
N GLU A 247 -18.64 24.51 12.07
CA GLU A 247 -17.55 24.85 12.96
C GLU A 247 -17.95 25.95 13.95
N GLU A 248 -18.71 26.93 13.47
CA GLU A 248 -19.23 27.96 14.38
C GLU A 248 -20.15 27.35 15.43
N LYS A 249 -20.93 26.34 15.05
CA LYS A 249 -21.78 25.63 16.01
C LYS A 249 -21.01 24.58 16.80
N ASN A 250 -19.74 24.36 16.49
CA ASN A 250 -18.89 23.37 17.17
C ASN A 250 -19.46 21.96 17.00
N TYR A 251 -19.55 21.54 15.74
CA TYR A 251 -19.92 20.16 15.41
C TYR A 251 -18.88 19.43 14.58
N GLY A 252 -18.23 20.09 13.63
CA GLY A 252 -17.29 19.40 12.77
C GLY A 252 -18.02 18.58 11.73
N LEU A 253 -17.58 18.64 10.48
CA LEU A 253 -18.31 18.06 9.37
C LEU A 253 -17.71 16.71 8.99
N GLY A 254 -18.57 15.70 8.86
CA GLY A 254 -18.17 14.41 8.38
C GLY A 254 -19.11 13.93 7.29
N TRP A 255 -18.67 12.91 6.56
CA TRP A 255 -19.48 12.43 5.44
C TRP A 255 -20.79 11.85 5.92
N TYR A 256 -20.77 11.11 7.03
CA TYR A 256 -22.00 10.50 7.51
C TYR A 256 -23.05 11.56 7.85
N VAL A 257 -22.63 12.63 8.52
CA VAL A 257 -23.57 13.67 8.90
C VAL A 257 -24.11 14.38 7.65
N LEU A 258 -23.23 14.68 6.70
CA LEU A 258 -23.67 15.32 5.46
C LEU A 258 -24.70 14.47 4.74
N TRP A 259 -24.39 13.18 4.55
CA TRP A 259 -25.28 12.27 3.84
C TRP A 259 -26.61 12.12 4.55
N GLN A 260 -26.59 11.84 5.86
CA GLN A 260 -27.83 11.58 6.57
C GLN A 260 -28.64 12.86 6.75
N GLY A 261 -27.98 14.01 6.89
CA GLY A 261 -28.71 15.27 6.98
C GLY A 261 -29.36 15.64 5.67
N VAL A 262 -28.68 15.40 4.55
CA VAL A 262 -29.31 15.61 3.25
C VAL A 262 -30.50 14.67 3.10
N LYS A 263 -30.34 13.41 3.51
CA LYS A 263 -31.42 12.43 3.42
C LYS A 263 -32.64 12.87 4.24
N GLN A 264 -32.42 13.28 5.48
CA GLN A 264 -33.50 13.60 6.40
C GLN A 264 -34.00 15.03 6.28
N ALA A 265 -33.33 15.86 5.50
CA ALA A 265 -33.83 17.21 5.27
C ALA A 265 -35.08 17.18 4.40
N LEU A 266 -35.20 16.16 3.55
CA LEU A 266 -36.33 16.04 2.65
C LEU A 266 -37.61 15.61 3.35
N LYS A 267 -37.50 15.00 4.52
CA LYS A 267 -38.66 14.56 5.30
C LYS A 267 -38.66 15.27 6.64
N GLU A 268 -39.76 15.93 6.97
CA GLU A 268 -39.84 16.67 8.22
C GLU A 268 -39.84 15.72 9.41
N GLN A 269 -39.14 16.12 10.46
CA GLN A 269 -38.89 15.27 11.62
C GLN A 269 -40.03 15.36 12.63
N LYS A 270 -40.22 14.28 13.38
CA LYS A 270 -41.26 14.21 14.40
C LYS A 270 -40.66 14.21 15.80
N LYS A 271 -39.77 13.28 16.10
CA LYS A 271 -39.03 13.21 17.35
C LYS A 271 -37.59 13.60 17.13
N PRO A 272 -36.88 14.02 18.18
CA PRO A 272 -35.45 14.33 18.04
C PRO A 272 -34.67 13.13 17.54
N THR A 273 -33.66 13.40 16.72
CA THR A 273 -32.94 12.38 15.97
C THR A 273 -31.48 12.38 16.42
N LYS A 274 -30.77 11.29 16.13
CA LYS A 274 -29.34 11.21 16.42
C LYS A 274 -28.59 12.43 15.92
N ILE A 275 -29.06 13.03 14.82
CA ILE A 275 -28.58 14.31 14.35
C ILE A 275 -29.77 15.26 14.30
N GLN A 276 -29.66 16.39 14.97
CA GLN A 276 -30.72 17.39 14.98
C GLN A 276 -30.24 18.77 14.54
N ILE A 277 -29.07 19.21 14.99
CA ILE A 277 -28.59 20.54 14.64
C ILE A 277 -28.34 20.64 13.14
N ALA A 278 -27.78 19.57 12.55
CA ALA A 278 -27.46 19.60 11.13
C ALA A 278 -28.74 19.70 10.27
N VAL A 279 -29.73 18.86 10.57
CA VAL A 279 -30.95 18.86 9.77
C VAL A 279 -31.72 20.17 9.98
N ASP A 280 -31.70 20.70 11.20
CA ASP A 280 -32.35 21.99 11.47
C ASP A 280 -31.67 23.10 10.68
N GLN A 281 -30.34 23.09 10.63
CA GLN A 281 -29.60 24.14 9.94
C GLN A 281 -29.61 23.95 8.43
N LEU A 282 -30.00 22.78 7.93
CA LEU A 282 -30.12 22.57 6.50
C LEU A 282 -31.43 23.08 5.93
N ARG A 283 -32.35 23.58 6.78
CA ARG A 283 -33.67 23.99 6.32
C ARG A 283 -33.64 25.32 5.58
N GLN A 284 -32.73 26.21 5.94
CA GLN A 284 -32.75 27.56 5.40
C GLN A 284 -32.48 27.57 3.88
N PRO A 285 -33.02 28.56 3.17
CA PRO A 285 -32.90 28.55 1.70
C PRO A 285 -31.48 28.66 1.19
N LYS A 286 -30.53 29.12 2.00
CA LYS A 286 -29.15 29.18 1.54
C LYS A 286 -28.57 27.82 1.24
N PHE A 287 -29.15 26.75 1.79
CA PHE A 287 -28.71 25.39 1.54
C PHE A 287 -29.60 24.67 0.53
N ALA A 288 -30.33 25.41 -0.29
CA ALA A 288 -31.17 24.77 -1.31
C ALA A 288 -30.33 24.12 -2.40
N GLY A 289 -29.10 24.61 -2.61
CA GLY A 289 -28.24 23.99 -3.60
C GLY A 289 -27.84 22.58 -3.25
N LEU A 290 -27.61 22.31 -1.96
CA LEU A 290 -27.25 20.96 -1.53
C LEU A 290 -28.36 19.97 -1.82
N LEU A 291 -29.59 20.34 -1.49
CA LEU A 291 -30.70 19.38 -1.57
C LEU A 291 -31.05 19.01 -3.01
N THR A 292 -30.69 19.85 -3.98
CA THR A 292 -30.99 19.57 -5.38
C THR A 292 -29.80 18.96 -6.12
N ALA A 293 -28.71 18.67 -5.42
CA ALA A 293 -27.53 18.08 -6.05
C ALA A 293 -27.64 16.56 -6.07
N LYS A 294 -26.83 15.97 -6.98
CA LYS A 294 -26.75 14.52 -7.34
C LYS A 294 -25.76 13.70 -6.50
N TRP A 295 -26.17 12.53 -6.00
CA TRP A 295 -25.37 11.73 -5.08
C TRP A 295 -23.90 11.65 -5.50
N ARG A 296 -23.60 11.87 -6.78
CA ARG A 296 -22.22 11.85 -7.27
C ARG A 296 -21.51 13.17 -7.05
N ALA A 297 -22.22 14.29 -7.17
CA ALA A 297 -21.59 15.59 -6.96
C ALA A 297 -21.39 15.88 -5.47
N LEU A 298 -22.32 15.44 -4.62
CA LEU A 298 -22.23 15.74 -3.20
C LEU A 298 -20.98 15.11 -2.58
N LYS A 299 -20.74 13.83 -2.89
CA LYS A 299 -19.56 13.16 -2.35
C LYS A 299 -18.29 13.76 -2.94
N GLY A 300 -18.32 14.18 -4.20
CA GLY A 300 -17.16 14.85 -4.77
C GLY A 300 -16.84 16.15 -4.06
N ALA A 301 -17.87 16.94 -3.74
CA ALA A 301 -17.65 18.16 -2.98
C ALA A 301 -17.11 17.87 -1.59
N TYR A 302 -17.62 16.83 -0.93
CA TYR A 302 -17.12 16.48 0.39
C TYR A 302 -15.66 16.06 0.34
N ASP A 303 -15.30 15.24 -0.66
CA ASP A 303 -13.91 14.81 -0.81
C ASP A 303 -13.01 16.01 -1.09
N THR A 304 -13.46 16.93 -1.93
CA THR A 304 -12.66 18.12 -2.21
C THR A 304 -12.47 18.96 -0.96
N TRP A 305 -13.52 19.10 -0.15
CA TRP A 305 -13.41 19.89 1.08
C TRP A 305 -12.41 19.26 2.05
N LYS A 306 -12.50 17.95 2.27
CA LYS A 306 -11.56 17.29 3.17
C LYS A 306 -10.14 17.37 2.63
N LEU A 307 -9.97 17.19 1.32
CA LEU A 307 -8.65 17.27 0.73
C LEU A 307 -8.07 18.67 0.88
N LYS A 308 -8.90 19.71 0.72
CA LYS A 308 -8.41 21.07 0.89
C LYS A 308 -8.04 21.34 2.34
N LYS A 309 -8.80 20.77 3.29
CA LYS A 309 -8.45 20.92 4.69
C LYS A 309 -7.08 20.31 4.98
N ARG A 310 -6.83 19.10 4.46
CA ARG A 310 -5.51 18.50 4.65
C ARG A 310 -4.44 19.30 3.96
N LEU A 311 -4.74 19.82 2.76
CA LEU A 311 -3.75 20.60 2.02
C LEU A 311 -3.36 21.86 2.79
N GLU A 312 -4.32 22.49 3.46
CA GLU A 312 -3.99 23.68 4.25
C GLU A 312 -3.44 23.33 5.63
N LYS A 313 -3.57 22.09 6.08
CA LYS A 313 -2.97 21.67 7.35
C LYS A 313 -1.54 21.19 7.19
N ARG A 314 -1.19 20.61 6.04
CA ARG A 314 0.14 20.06 5.83
C ARG A 314 1.20 21.15 5.81
N LYS A 315 2.35 20.86 6.42
CA LYS A 315 3.46 21.80 6.40
C LYS A 315 4.05 21.90 5.00
N ALA A 316 4.74 23.01 4.74
CA ALA A 316 5.19 23.30 3.38
C ALA A 316 6.27 22.34 2.92
N PHE A 317 7.27 22.09 3.75
CA PHE A 317 8.51 21.44 3.34
C PHE A 317 8.85 20.30 4.29
N PRO A 318 9.61 19.30 3.84
CA PRO A 318 9.97 18.20 4.72
C PRO A 318 10.96 18.62 5.79
N TYR A 319 10.94 17.90 6.90
CA TYR A 319 11.87 18.16 7.99
C TYR A 319 13.30 17.82 7.57
N MET A 320 14.24 18.63 8.00
CA MET A 320 15.64 18.28 7.86
C MET A 320 16.00 17.15 8.81
N PRO A 321 16.78 16.17 8.37
CA PRO A 321 16.91 14.92 9.13
C PRO A 321 17.57 15.15 10.50
N ASN A 322 17.14 14.34 11.46
CA ASN A 322 17.74 14.38 12.79
C ASN A 322 19.15 13.82 12.75
N TRP A 323 20.07 14.47 13.46
CA TRP A 323 21.49 14.23 13.30
C TRP A 323 22.17 13.75 14.57
N ASP A 324 21.52 13.86 15.72
CA ASP A 324 22.05 13.26 16.94
C ASP A 324 21.94 11.75 16.92
N ASN A 325 21.01 11.20 16.14
CA ASN A 325 20.84 9.75 16.07
C ASN A 325 21.99 9.11 15.30
N ASP A 326 22.21 7.83 15.59
CA ASP A 326 23.29 7.07 14.98
C ASP A 326 22.84 6.44 13.68
N TYR A 327 23.79 6.25 12.76
CA TYR A 327 23.52 5.67 11.46
C TYR A 327 24.28 4.36 11.30
N GLN A 328 23.70 3.44 10.54
CA GLN A 328 24.35 2.16 10.30
C GLN A 328 25.60 2.35 9.46
N ILE A 329 26.67 1.64 9.84
CA ILE A 329 28.00 1.84 9.29
C ILE A 329 28.30 0.66 8.38
N PRO A 330 28.45 0.86 7.06
CA PRO A 330 28.72 -0.26 6.15
C PRO A 330 30.20 -0.54 5.94
N VAL A 331 30.60 -1.80 6.12
CA VAL A 331 31.96 -2.22 5.83
C VAL A 331 31.89 -3.58 5.12
N GLY A 332 32.76 -3.76 4.13
CA GLY A 332 32.74 -4.98 3.33
C GLY A 332 34.11 -5.53 2.99
N LEU A 333 34.28 -6.03 1.76
CA LEU A 333 35.56 -6.59 1.32
C LEU A 333 36.11 -5.91 0.07
N THR A 334 35.48 -4.85 -0.40
CA THR A 334 35.80 -4.26 -1.69
C THR A 334 36.69 -3.03 -1.56
N GLY A 335 37.63 -3.06 -0.62
CA GLY A 335 38.54 -1.97 -0.40
C GLY A 335 38.09 -0.97 0.65
N LEU A 336 36.82 -1.04 1.08
CA LEU A 336 36.38 -0.20 2.18
C LEU A 336 37.12 -0.54 3.47
N GLY A 337 37.35 -1.83 3.70
CA GLY A 337 38.05 -2.28 4.87
C GLY A 337 38.35 -3.76 4.75
N VAL A 338 38.65 -4.37 5.89
CA VAL A 338 38.95 -5.79 5.97
C VAL A 338 38.08 -6.40 7.05
N PHE A 339 37.35 -7.45 6.69
CA PHE A 339 36.61 -8.22 7.68
C PHE A 339 36.54 -9.67 7.21
N THR A 340 36.71 -10.59 8.16
CA THR A 340 36.68 -12.01 7.86
C THR A 340 35.62 -12.67 8.73
N LEU A 341 34.78 -13.49 8.10
CA LEU A 341 33.70 -14.17 8.78
C LEU A 341 34.01 -15.65 8.87
N GLU A 342 34.10 -16.16 10.11
CA GLU A 342 34.25 -17.59 10.34
C GLU A 342 33.28 -18.00 11.45
N VAL A 343 32.48 -19.01 11.18
CA VAL A 343 31.39 -19.42 12.05
C VAL A 343 31.82 -20.67 12.80
N LYS A 344 31.68 -20.64 14.13
CA LYS A 344 32.03 -21.79 14.94
C LYS A 344 30.86 -22.21 15.81
N ARG A 345 31.09 -23.18 16.71
CA ARG A 345 29.99 -23.86 17.37
C ARG A 345 29.14 -22.93 18.20
N THR A 346 29.76 -22.00 18.93
CA THR A 346 29.05 -21.21 19.92
C THR A 346 28.80 -19.78 19.50
N GLU A 347 29.72 -19.13 18.78
CA GLU A 347 29.55 -17.74 18.42
C GLU A 347 30.03 -17.50 16.99
N VAL A 348 29.63 -16.35 16.45
CA VAL A 348 30.13 -15.85 15.18
C VAL A 348 31.19 -14.81 15.47
N VAL A 349 32.25 -14.80 14.66
CA VAL A 349 33.39 -13.91 14.88
C VAL A 349 33.63 -13.08 13.63
N VAL A 350 33.66 -11.76 13.79
CA VAL A 350 34.05 -10.84 12.73
C VAL A 350 35.35 -10.19 13.17
N ASP A 351 36.38 -10.30 12.33
CA ASP A 351 37.74 -9.94 12.71
C ASP A 351 38.23 -8.81 11.82
N LEU A 352 38.04 -7.57 12.27
CA LEU A 352 38.72 -6.44 11.63
C LEU A 352 40.21 -6.49 11.98
N LYS A 353 41.04 -6.07 11.02
CA LYS A 353 42.47 -6.31 11.13
C LYS A 353 43.10 -5.54 12.29
N GLU A 354 42.66 -4.30 12.51
CA GLU A 354 43.28 -3.44 13.51
C GLU A 354 42.31 -2.86 14.53
N HIS A 355 41.01 -2.82 14.25
CA HIS A 355 40.04 -2.25 15.16
C HIS A 355 39.43 -3.29 16.09
N GLY A 356 39.90 -4.53 16.06
CA GLY A 356 39.46 -5.55 16.98
C GLY A 356 38.52 -6.54 16.33
N LYS A 357 37.95 -7.41 17.17
CA LYS A 357 37.02 -8.42 16.73
C LYS A 357 35.76 -8.37 17.57
N LEU A 358 34.66 -8.88 17.00
CA LEU A 358 33.35 -8.80 17.61
C LEU A 358 32.76 -10.20 17.71
N PHE A 359 32.22 -10.52 18.88
CA PHE A 359 31.59 -11.81 19.13
C PHE A 359 30.08 -11.65 19.06
N CYS A 360 29.45 -12.38 18.15
CA CYS A 360 28.02 -12.28 17.91
C CYS A 360 27.36 -13.63 18.14
N SER A 361 26.16 -13.61 18.69
CA SER A 361 25.45 -14.84 18.98
C SER A 361 24.76 -15.37 17.72
N HIS A 362 24.18 -16.56 17.82
CA HIS A 362 23.50 -17.20 16.71
C HIS A 362 22.03 -16.81 16.70
N SER A 363 21.50 -16.58 15.50
CA SER A 363 20.10 -16.25 15.30
C SER A 363 19.39 -17.40 14.60
N HIS A 364 18.10 -17.53 14.88
CA HIS A 364 17.29 -18.54 14.21
C HIS A 364 17.00 -18.20 12.76
N TYR A 365 17.13 -16.93 12.38
CA TYR A 365 17.00 -16.56 10.98
C TYR A 365 18.09 -17.21 10.15
N PHE A 366 19.34 -17.11 10.60
CA PHE A 366 20.47 -17.75 9.94
C PHE A 366 20.79 -19.09 10.61
N GLY A 367 19.79 -19.97 10.63
CA GLY A 367 19.95 -21.25 11.28
C GLY A 367 20.94 -22.13 10.54
N ASP A 368 21.75 -22.87 11.30
CA ASP A 368 22.78 -23.76 10.76
C ASP A 368 23.69 -23.00 9.80
N LEU A 369 24.10 -21.81 10.22
CA LEU A 369 24.86 -20.93 9.34
C LEU A 369 26.23 -21.52 9.03
N THR A 370 26.62 -21.46 7.76
CA THR A 370 27.96 -21.80 7.32
C THR A 370 28.41 -20.78 6.31
N ALA A 371 29.67 -20.37 6.40
CA ALA A 371 30.25 -19.40 5.48
C ALA A 371 31.60 -19.88 5.02
N GLU A 372 31.99 -19.49 3.81
CA GLU A 372 33.27 -19.87 3.24
C GLU A 372 33.83 -18.73 2.42
N LYS A 373 35.14 -18.53 2.52
CA LYS A 373 35.78 -17.42 1.84
C LYS A 373 35.77 -17.61 0.34
N HIS A 374 35.54 -16.51 -0.38
CA HIS A 374 35.59 -16.47 -1.83
C HIS A 374 36.27 -15.16 -2.21
N PRO A 375 36.81 -15.07 -3.43
CA PRO A 375 37.72 -13.95 -3.74
C PRO A 375 37.14 -12.56 -3.47
N SER A 376 35.85 -12.35 -3.77
CA SER A 376 35.25 -11.05 -3.51
C SER A 376 33.84 -11.18 -2.93
N ARG A 377 33.55 -12.27 -2.23
CA ARG A 377 32.21 -12.54 -1.72
C ARG A 377 32.32 -13.61 -0.63
N TYR A 378 31.20 -13.87 0.03
CA TYR A 378 31.09 -14.99 0.95
C TYR A 378 29.88 -15.81 0.55
N HIS A 379 29.92 -17.11 0.86
CA HIS A 379 28.86 -18.04 0.51
C HIS A 379 28.18 -18.51 1.79
N LEU A 380 26.99 -18.00 2.06
CA LEU A 380 26.21 -18.38 3.23
C LEU A 380 25.27 -19.52 2.87
N LYS A 381 25.09 -20.42 3.83
CA LYS A 381 24.23 -21.58 3.63
C LYS A 381 23.47 -21.80 4.94
N PHE A 382 22.28 -21.20 5.04
CA PHE A 382 21.50 -21.20 6.26
C PHE A 382 20.07 -21.57 5.92
N ARG A 383 19.25 -21.68 6.96
CA ARG A 383 17.84 -22.03 6.78
C ARG A 383 17.07 -21.60 8.02
N HIS A 384 15.87 -21.06 7.81
CA HIS A 384 15.08 -20.53 8.89
C HIS A 384 14.64 -21.63 9.85
N LYS A 385 14.45 -21.26 11.11
CA LYS A 385 13.87 -22.13 12.11
C LYS A 385 12.84 -21.33 12.90
N LEU A 386 12.16 -22.00 13.82
CA LEU A 386 11.19 -21.35 14.68
C LEU A 386 11.83 -20.98 16.01
N LYS A 387 11.65 -19.74 16.42
CA LYS A 387 12.07 -19.31 17.75
C LYS A 387 11.01 -19.78 18.74
N LEU A 388 11.33 -20.82 19.49
CA LEU A 388 10.52 -21.25 20.62
C LEU A 388 11.17 -20.70 21.88
N ARG A 389 10.88 -19.42 22.16
CA ARG A 389 11.42 -18.80 23.36
C ARG A 389 10.90 -19.47 24.61
N LYS A 390 9.72 -20.08 24.53
CA LYS A 390 9.20 -20.86 25.65
C LYS A 390 10.07 -22.10 25.84
N ARG A 391 10.50 -22.33 27.09
CA ARG A 391 11.37 -23.47 27.36
C ARG A 391 10.61 -24.79 27.25
N ASP A 392 9.40 -24.85 27.81
CA ASP A 392 8.59 -26.05 27.73
C ASP A 392 7.64 -25.95 26.54
N SER A 393 8.24 -25.79 25.36
CA SER A 393 7.48 -25.61 24.14
C SER A 393 6.68 -26.86 23.83
N ARG A 394 5.44 -26.67 23.36
CA ARG A 394 4.53 -27.77 23.07
C ARG A 394 4.41 -28.07 21.59
N VAL A 395 5.08 -27.31 20.72
CA VAL A 395 4.94 -27.49 19.29
C VAL A 395 6.22 -28.12 18.75
N GLU A 396 6.06 -28.96 17.74
CA GLU A 396 7.20 -29.67 17.17
C GLU A 396 8.07 -28.70 16.37
N PRO A 397 9.37 -28.64 16.64
CA PRO A 397 10.23 -27.77 15.84
C PRO A 397 10.22 -28.20 14.38
N THR A 398 10.18 -27.21 13.49
CA THR A 398 10.24 -27.46 12.06
C THR A 398 11.33 -26.58 11.46
N ILE A 399 11.92 -27.08 10.37
CA ILE A 399 13.05 -26.44 9.74
C ILE A 399 12.68 -26.16 8.28
N GLY A 400 12.88 -24.93 7.84
CA GLY A 400 12.58 -24.56 6.48
C GLY A 400 13.63 -25.07 5.52
N PRO A 401 13.39 -24.83 4.23
CA PRO A 401 14.31 -25.33 3.21
C PRO A 401 15.64 -24.58 3.24
N TRP A 402 16.64 -25.20 2.61
CA TRP A 402 17.96 -24.60 2.55
C TRP A 402 17.95 -23.34 1.68
N ILE A 403 18.77 -22.37 2.07
CA ILE A 403 18.88 -21.10 1.35
C ILE A 403 20.34 -20.87 0.99
N GLU A 404 20.60 -20.67 -0.29
CA GLU A 404 21.95 -20.41 -0.80
C GLU A 404 22.08 -18.94 -1.14
N ALA A 405 22.85 -18.22 -0.32
CA ALA A 405 22.93 -16.77 -0.42
C ALA A 405 24.39 -16.34 -0.54
N ALA A 406 24.58 -15.14 -1.08
CA ALA A 406 25.90 -14.55 -1.26
C ALA A 406 25.99 -13.30 -0.39
N LEU A 407 27.13 -13.10 0.25
CA LEU A 407 27.34 -11.96 1.12
C LEU A 407 28.50 -11.10 0.60
N ARG A 408 28.29 -9.79 0.57
CA ARG A 408 29.32 -8.85 0.14
C ARG A 408 29.74 -7.86 1.20
N GLU A 409 28.83 -7.43 2.09
CA GLU A 409 29.15 -6.40 3.07
C GLU A 409 28.45 -6.74 4.38
N ILE A 410 28.83 -6.03 5.44
CA ILE A 410 28.16 -6.09 6.73
C ILE A 410 27.95 -4.67 7.21
N THR A 411 26.96 -4.50 8.09
CA THR A 411 26.63 -3.20 8.64
C THR A 411 26.67 -3.26 10.16
N ILE A 412 27.25 -2.23 10.77
CA ILE A 412 27.35 -2.11 12.22
C ILE A 412 26.61 -0.87 12.65
N GLN A 413 25.82 -0.99 13.71
CA GLN A 413 25.07 0.15 14.21
C GLN A 413 24.88 0.00 15.72
N LYS A 414 24.62 1.12 16.37
CA LYS A 414 24.27 1.15 17.79
C LYS A 414 22.86 1.70 17.92
N LYS A 415 21.92 0.84 18.30
CA LYS A 415 20.56 1.28 18.52
C LYS A 415 20.51 2.22 19.72
N PRO A 416 19.47 3.04 19.82
CA PRO A 416 19.36 3.94 20.97
C PRO A 416 19.34 3.24 22.31
N ASN A 417 18.94 1.97 22.37
CA ASN A 417 18.94 1.27 23.65
C ASN A 417 20.34 0.96 24.15
N GLY A 418 21.36 1.14 23.32
CA GLY A 418 22.73 0.96 23.75
C GLY A 418 23.39 -0.34 23.36
N VAL A 419 22.78 -1.13 22.48
CA VAL A 419 23.30 -2.44 22.09
C VAL A 419 23.69 -2.39 20.62
N PHE A 420 24.89 -2.82 20.30
CA PHE A 420 25.34 -2.91 18.92
C PHE A 420 24.67 -4.07 18.20
N TYR A 421 24.52 -3.93 16.88
CA TYR A 421 23.93 -4.97 16.05
C TYR A 421 24.76 -5.13 14.80
N LEU A 422 24.96 -6.37 14.37
CA LEU A 422 25.66 -6.68 13.13
C LEU A 422 24.65 -7.14 12.09
N GLY A 423 24.68 -6.52 10.92
CA GLY A 423 23.74 -6.81 9.85
C GLY A 423 24.42 -7.49 8.69
N LEU A 424 23.74 -8.48 8.10
CA LEU A 424 24.27 -9.29 7.01
C LEU A 424 23.39 -9.12 5.77
N PRO A 425 23.70 -8.18 4.89
CA PRO A 425 22.95 -8.05 3.62
C PRO A 425 23.33 -9.15 2.64
N TYR A 426 22.39 -10.05 2.39
CA TYR A 426 22.62 -11.22 1.53
C TYR A 426 21.72 -11.17 0.31
N ALA A 427 22.28 -11.54 -0.84
CA ALA A 427 21.60 -11.48 -2.13
C ALA A 427 21.28 -12.87 -2.62
N LEU A 428 20.03 -13.10 -3.01
CA LEU A 428 19.58 -14.41 -3.47
C LEU A 428 19.76 -14.54 -4.98
N SER A 429 19.82 -15.79 -5.43
CA SER A 429 19.94 -16.11 -6.85
C SER A 429 18.69 -16.86 -7.30
N HIS A 430 18.11 -16.41 -8.41
CA HIS A 430 16.88 -17.00 -8.92
C HIS A 430 16.84 -16.85 -10.43
N GLY A 431 15.97 -17.64 -11.06
CA GLY A 431 15.82 -17.55 -12.50
C GLY A 431 15.19 -16.23 -12.92
N ILE A 432 15.79 -15.62 -13.94
CA ILE A 432 15.28 -14.36 -14.47
C ILE A 432 14.16 -14.56 -15.48
N ASP A 433 13.94 -15.79 -15.93
CA ASP A 433 12.97 -16.04 -17.00
C ASP A 433 11.56 -15.66 -16.58
N ASN A 434 11.16 -16.04 -15.36
CA ASN A 434 9.80 -15.75 -14.90
C ASN A 434 9.55 -14.25 -14.80
N PHE A 435 10.52 -13.51 -14.24
CA PHE A 435 10.35 -12.08 -14.10
C PHE A 435 10.35 -11.38 -15.46
N GLN A 436 11.21 -11.82 -16.38
CA GLN A 436 11.17 -11.25 -17.72
C GLN A 436 9.86 -11.55 -18.42
N ILE A 437 9.30 -12.74 -18.21
CA ILE A 437 8.01 -13.09 -18.82
C ILE A 437 6.92 -12.20 -18.26
N ALA A 438 6.88 -12.02 -16.94
CA ALA A 438 5.84 -11.20 -16.33
C ALA A 438 6.06 -9.70 -16.55
N LYS A 439 7.25 -9.30 -16.96
CA LYS A 439 7.53 -7.87 -17.16
C LYS A 439 7.10 -7.42 -18.54
N ARG A 440 7.71 -7.98 -19.59
CA ARG A 440 7.50 -7.46 -20.94
C ARG A 440 6.30 -8.05 -21.66
N PHE A 441 5.90 -9.27 -21.35
CA PHE A 441 4.81 -9.89 -22.11
C PHE A 441 3.45 -9.59 -21.48
N PHE A 442 3.25 -10.02 -20.25
CA PHE A 442 1.92 -9.94 -19.66
C PHE A 442 1.57 -8.53 -19.19
N SER A 443 2.48 -7.57 -19.28
CA SER A 443 2.21 -6.20 -18.91
C SER A 443 2.23 -5.23 -20.09
N ALA A 444 2.30 -5.72 -21.33
CA ALA A 444 2.35 -4.86 -22.49
C ALA A 444 1.35 -5.35 -23.54
N ALA A 445 0.65 -4.39 -24.15
CA ALA A 445 -0.24 -4.69 -25.27
C ALA A 445 0.53 -4.93 -26.56
N LYS A 446 1.79 -4.51 -26.65
CA LYS A 446 2.67 -4.74 -27.79
C LYS A 446 3.91 -5.51 -27.36
N PRO A 447 3.79 -6.82 -27.15
CA PRO A 447 5.00 -7.64 -26.98
C PRO A 447 5.66 -7.85 -28.34
N ASP A 448 6.90 -7.40 -28.46
CA ASP A 448 7.61 -7.48 -29.73
C ASP A 448 7.92 -8.95 -30.05
N LYS A 449 8.14 -9.22 -31.34
CA LYS A 449 8.09 -10.59 -31.86
C LYS A 449 9.11 -11.50 -31.17
N GLU A 450 10.25 -10.94 -30.76
CA GLU A 450 11.26 -11.77 -30.11
C GLU A 450 10.77 -12.31 -28.77
N VAL A 451 9.84 -11.60 -28.12
CA VAL A 451 9.29 -12.13 -26.87
C VAL A 451 8.39 -13.33 -27.14
N ILE A 452 7.52 -13.26 -28.14
CA ILE A 452 6.67 -14.41 -28.46
C ILE A 452 7.52 -15.58 -28.91
N ASN A 453 8.53 -15.33 -29.73
CA ASN A 453 9.43 -16.41 -30.14
C ASN A 453 10.29 -16.88 -28.98
N GLY A 454 10.40 -16.08 -27.92
CA GLY A 454 11.11 -16.48 -26.72
C GLY A 454 10.25 -17.04 -25.61
N LEU A 455 8.94 -17.01 -25.76
CA LEU A 455 8.07 -17.61 -24.76
C LEU A 455 8.25 -19.12 -24.76
N PRO A 456 8.07 -19.77 -23.60
CA PRO A 456 8.12 -21.24 -23.58
C PRO A 456 6.87 -21.86 -24.19
N SER A 457 6.75 -23.18 -24.09
CA SER A 457 5.59 -23.90 -24.59
C SER A 457 4.69 -24.43 -23.48
N GLU A 458 4.82 -23.89 -22.27
CA GLU A 458 4.10 -24.41 -21.12
C GLU A 458 4.24 -23.43 -19.97
N MET A 459 3.13 -23.18 -19.27
CA MET A 459 3.14 -22.35 -18.08
C MET A 459 2.04 -22.83 -17.14
N VAL A 460 2.21 -22.50 -15.86
CA VAL A 460 1.16 -22.61 -14.87
C VAL A 460 0.96 -21.23 -14.27
N VAL A 461 -0.27 -20.72 -14.32
CA VAL A 461 -0.56 -19.36 -13.89
C VAL A 461 -1.66 -19.39 -12.86
N GLY A 462 -1.78 -18.29 -12.12
CA GLY A 462 -2.77 -18.18 -11.07
C GLY A 462 -3.27 -16.77 -10.96
N ALA A 463 -4.34 -16.61 -10.18
CA ALA A 463 -4.93 -15.31 -9.95
C ALA A 463 -5.53 -15.29 -8.55
N ALA A 464 -5.59 -14.10 -7.97
CA ALA A 464 -6.10 -13.96 -6.61
C ALA A 464 -6.96 -12.71 -6.53
N ASP A 465 -8.02 -12.81 -5.73
CA ASP A 465 -8.91 -11.70 -5.43
C ASP A 465 -8.88 -11.47 -3.92
N LEU A 466 -8.46 -10.29 -3.50
CA LEU A 466 -8.23 -9.99 -2.09
C LEU A 466 -9.39 -9.17 -1.54
N ASN A 467 -9.97 -9.63 -0.44
CA ASN A 467 -11.15 -9.01 0.17
C ASN A 467 -11.05 -9.20 1.67
N LEU A 468 -11.83 -8.40 2.42
CA LEU A 468 -11.86 -8.59 3.87
C LEU A 468 -12.45 -9.95 4.23
N SER A 469 -13.60 -10.29 3.66
CA SER A 469 -14.16 -11.62 3.79
C SER A 469 -13.68 -12.47 2.63
N ASN A 470 -13.31 -13.72 2.93
CA ASN A 470 -12.66 -14.60 1.96
C ASN A 470 -11.37 -13.96 1.46
N ILE A 471 -10.42 -13.87 2.39
CA ILE A 471 -9.17 -13.12 2.20
C ILE A 471 -8.55 -13.36 0.84
N VAL A 472 -8.47 -14.61 0.41
CA VAL A 472 -7.89 -14.96 -0.89
C VAL A 472 -8.80 -15.97 -1.57
N ALA A 473 -9.15 -15.69 -2.82
CA ALA A 473 -9.93 -16.62 -3.65
C ALA A 473 -9.09 -16.99 -4.86
N PRO A 474 -8.32 -18.07 -4.80
CA PRO A 474 -7.34 -18.37 -5.86
C PRO A 474 -7.88 -19.23 -6.98
N VAL A 475 -7.20 -19.14 -8.13
CA VAL A 475 -7.52 -19.92 -9.31
C VAL A 475 -6.20 -20.40 -9.90
N LYS A 476 -6.13 -21.66 -10.29
CA LYS A 476 -4.95 -22.23 -10.93
C LYS A 476 -5.32 -22.71 -12.32
N ALA A 477 -4.45 -22.45 -13.29
CA ALA A 477 -4.71 -22.84 -14.67
C ALA A 477 -3.41 -23.21 -15.36
N ARG A 478 -3.52 -24.09 -16.36
CA ARG A 478 -2.40 -24.54 -17.17
C ARG A 478 -2.61 -24.12 -18.60
N ILE A 479 -1.65 -23.40 -19.17
CA ILE A 479 -1.77 -22.85 -20.51
C ILE A 479 -0.56 -23.27 -21.33
N GLY A 480 -0.72 -23.25 -22.64
CA GLY A 480 0.37 -23.58 -23.53
C GLY A 480 0.03 -23.56 -25.00
N LYS A 481 0.96 -23.09 -25.83
CA LYS A 481 0.77 -23.15 -27.28
C LYS A 481 0.76 -24.59 -27.74
N GLY A 482 -0.09 -24.88 -28.72
CA GLY A 482 -0.27 -26.25 -29.16
C GLY A 482 -1.18 -27.07 -28.28
N LEU A 483 -1.90 -26.44 -27.37
CA LEU A 483 -2.78 -27.12 -26.43
C LEU A 483 -4.17 -26.53 -26.51
N GLU A 484 -5.18 -27.36 -26.27
CA GLU A 484 -6.57 -26.97 -26.40
C GLU A 484 -7.26 -26.94 -25.05
N GLY A 485 -8.13 -25.95 -24.86
CA GLY A 485 -8.88 -25.81 -23.63
C GLY A 485 -9.86 -24.67 -23.71
N PRO A 486 -10.76 -24.57 -22.72
CA PRO A 486 -11.76 -23.49 -22.75
C PRO A 486 -11.17 -22.09 -22.72
N LEU A 487 -10.08 -21.87 -22.00
CA LEU A 487 -9.56 -20.52 -21.83
C LEU A 487 -8.80 -20.07 -23.07
N HIS A 488 -8.53 -18.78 -23.13
CA HIS A 488 -7.81 -18.17 -24.24
C HIS A 488 -6.77 -17.19 -23.71
N ALA A 489 -5.55 -17.30 -24.23
CA ALA A 489 -4.45 -16.42 -23.88
C ALA A 489 -4.02 -15.67 -25.13
N LEU A 490 -3.99 -14.34 -25.04
CA LEU A 490 -3.69 -13.51 -26.19
C LEU A 490 -2.28 -13.78 -26.71
N ASP A 491 -2.16 -14.02 -28.01
CA ASP A 491 -0.90 -14.26 -28.71
C ASP A 491 -0.16 -15.49 -28.20
N TYR A 492 -0.79 -16.34 -27.41
CA TYR A 492 -0.06 -17.48 -26.87
C TYR A 492 -0.76 -18.81 -27.09
N GLY A 493 -2.08 -18.87 -26.94
CA GLY A 493 -2.78 -20.12 -27.08
C GLY A 493 -3.87 -20.24 -26.03
N TYR A 494 -4.26 -21.47 -25.74
CA TYR A 494 -5.39 -21.75 -24.86
C TYR A 494 -4.89 -22.35 -23.54
N GLY A 495 -5.84 -22.75 -22.70
CA GLY A 495 -5.50 -23.37 -21.44
C GLY A 495 -6.74 -23.88 -20.74
N GLU A 496 -6.52 -24.62 -19.66
CA GLU A 496 -7.60 -25.16 -18.85
C GLU A 496 -7.26 -25.01 -17.38
N LEU A 497 -8.26 -25.26 -16.54
CA LEU A 497 -8.10 -25.08 -15.10
C LEU A 497 -7.44 -26.30 -14.47
N ILE A 498 -6.47 -26.04 -13.58
CA ILE A 498 -5.82 -27.09 -12.80
C ILE A 498 -6.59 -27.25 -11.49
N ASP A 499 -6.58 -26.20 -10.67
CA ASP A 499 -7.34 -26.15 -9.44
C ASP A 499 -8.47 -25.15 -9.62
N GLY A 500 -9.70 -25.64 -9.54
CA GLY A 500 -10.86 -24.83 -9.86
C GLY A 500 -10.99 -23.63 -8.95
N PRO A 501 -11.72 -22.61 -9.41
CA PRO A 501 -11.94 -21.43 -8.58
C PRO A 501 -12.58 -21.82 -7.24
N LYS A 502 -12.06 -21.25 -6.17
CA LYS A 502 -12.47 -21.63 -4.83
C LYS A 502 -12.01 -20.56 -3.85
N ILE A 503 -12.31 -20.77 -2.58
CA ILE A 503 -11.87 -19.89 -1.50
C ILE A 503 -10.77 -20.62 -0.73
N LEU A 504 -9.62 -19.95 -0.57
CA LEU A 504 -8.48 -20.61 0.05
C LEU A 504 -8.76 -20.96 1.51
N THR A 505 -9.35 -20.04 2.26
CA THR A 505 -9.62 -20.29 3.67
C THR A 505 -10.84 -19.49 4.12
N PRO A 506 -11.87 -20.15 4.63
CA PRO A 506 -13.05 -19.42 5.13
C PRO A 506 -12.70 -18.62 6.38
N ASP A 507 -13.51 -17.59 6.61
CA ASP A 507 -13.29 -16.71 7.75
C ASP A 507 -13.56 -17.44 9.07
N GLY A 508 -12.81 -17.06 10.10
CA GLY A 508 -12.94 -17.68 11.40
C GLY A 508 -14.19 -17.27 12.13
N PRO A 509 -14.49 -17.95 13.23
CA PRO A 509 -15.70 -17.62 13.99
C PRO A 509 -15.71 -16.23 14.59
N ARG A 510 -14.55 -15.64 14.84
CA ARG A 510 -14.45 -14.37 15.56
C ARG A 510 -14.55 -13.15 14.66
N CYS A 511 -14.66 -13.33 13.33
CA CYS A 511 -14.80 -12.18 12.45
C CYS A 511 -16.12 -11.45 12.67
N GLY A 512 -17.17 -12.18 13.06
CA GLY A 512 -18.43 -11.52 13.33
C GLY A 512 -18.38 -10.65 14.57
N GLU A 513 -17.69 -11.10 15.61
CA GLU A 513 -17.62 -10.37 16.86
C GLU A 513 -16.66 -9.18 16.81
N LEU A 514 -15.81 -9.13 15.79
CA LEU A 514 -14.88 -8.02 15.64
C LEU A 514 -15.41 -6.94 14.71
N ILE A 515 -16.70 -6.96 14.39
CA ILE A 515 -17.37 -5.90 13.67
C ILE A 515 -18.26 -5.07 14.60
N SER A 516 -18.94 -5.75 15.52
CA SER A 516 -19.77 -5.06 16.49
C SER A 516 -18.95 -4.07 17.31
N LEU A 517 -17.71 -4.46 17.65
CA LEU A 517 -16.85 -3.59 18.44
C LEU A 517 -16.52 -2.30 17.69
N LYS A 518 -16.13 -2.41 16.42
CA LYS A 518 -15.82 -1.22 15.64
C LYS A 518 -17.05 -0.34 15.45
N ARG A 519 -18.22 -0.97 15.25
CA ARG A 519 -19.46 -0.19 15.15
C ARG A 519 -19.71 0.59 16.44
N ASP A 520 -19.53 -0.06 17.59
CA ASP A 520 -19.71 0.63 18.86
C ASP A 520 -18.75 1.80 18.99
N ILE A 521 -17.50 1.62 18.59
CA ILE A 521 -16.51 2.67 18.74
C ILE A 521 -16.89 3.90 17.91
N VAL A 522 -17.26 3.67 16.65
CA VAL A 522 -17.60 4.79 15.77
C VAL A 522 -18.87 5.49 16.25
N GLU A 523 -19.84 4.72 16.74
CA GLU A 523 -21.05 5.34 17.25
C GLU A 523 -20.74 6.21 18.49
N ILE A 524 -19.81 5.76 19.33
CA ILE A 524 -19.40 6.58 20.47
C ILE A 524 -18.76 7.88 19.99
N LYS A 525 -17.90 7.80 18.97
CA LYS A 525 -17.31 9.01 18.41
C LYS A 525 -18.38 10.01 18.01
N SER A 526 -19.38 9.55 17.27
CA SER A 526 -20.47 10.44 16.84
C SER A 526 -21.23 11.00 18.04
N ALA A 527 -21.43 10.19 19.08
CA ALA A 527 -22.14 10.66 20.26
C ALA A 527 -21.39 11.80 20.93
N ILE A 528 -20.07 11.66 21.06
CA ILE A 528 -19.26 12.74 21.64
C ILE A 528 -19.33 13.99 20.77
N LYS A 529 -19.29 13.80 19.45
CA LYS A 529 -19.33 14.93 18.53
C LYS A 529 -20.62 15.73 18.69
N GLU A 530 -21.76 15.04 18.84
CA GLU A 530 -22.98 15.80 19.07
C GLU A 530 -23.07 16.34 20.50
N PHE A 531 -22.46 15.67 21.47
CA PHE A 531 -22.42 16.18 22.84
C PHE A 531 -21.77 17.56 22.90
N LYS A 532 -20.67 17.76 22.19
CA LYS A 532 -20.02 19.08 22.22
C LYS A 532 -21.00 20.17 21.80
N ALA A 533 -21.64 20.00 20.64
CA ALA A 533 -22.53 21.02 20.10
C ALA A 533 -23.79 21.20 20.93
N CYS A 534 -24.40 20.10 21.40
CA CYS A 534 -25.65 20.22 22.14
C CYS A 534 -25.46 20.99 23.43
N GLN A 535 -24.37 20.71 24.16
CA GLN A 535 -24.13 21.46 25.39
C GLN A 535 -23.62 22.86 25.12
N ARG A 536 -22.98 23.10 23.97
CA ARG A 536 -22.66 24.47 23.61
C ARG A 536 -23.92 25.28 23.36
N GLU A 537 -24.94 24.66 22.76
CA GLU A 537 -26.17 25.35 22.44
C GLU A 537 -27.22 25.26 23.55
N GLY A 538 -26.92 24.58 24.65
CA GLY A 538 -27.89 24.46 25.73
C GLY A 538 -29.10 23.65 25.38
N LEU A 539 -29.00 22.76 24.39
CA LEU A 539 -30.12 21.94 23.95
C LEU A 539 -30.22 20.71 24.84
N THR A 540 -31.10 19.77 24.46
CA THR A 540 -31.26 18.52 25.18
C THR A 540 -30.94 17.36 24.25
N MET A 541 -30.14 16.42 24.76
CA MET A 541 -29.72 15.28 23.96
C MET A 541 -30.91 14.45 23.51
N SER A 542 -30.84 13.94 22.28
CA SER A 542 -31.92 13.14 21.72
C SER A 542 -32.12 11.87 22.54
N GLU A 543 -33.32 11.32 22.47
CA GLU A 543 -33.62 10.12 23.25
C GLU A 543 -32.88 8.91 22.70
N GLU A 544 -32.50 8.93 21.42
CA GLU A 544 -31.81 7.79 20.84
C GLU A 544 -30.42 7.60 21.45
N THR A 545 -29.62 8.66 21.50
CA THR A 545 -28.28 8.55 22.09
C THR A 545 -28.36 8.24 23.58
N THR A 546 -29.29 8.90 24.29
CA THR A 546 -29.44 8.67 25.72
C THR A 546 -29.84 7.23 26.00
N THR A 547 -30.73 6.67 25.17
CA THR A 547 -31.13 5.28 25.34
C THR A 547 -30.00 4.34 24.91
N TRP A 548 -29.18 4.77 23.95
CA TRP A 548 -28.11 3.92 23.46
C TRP A 548 -26.98 3.80 24.47
N LEU A 549 -26.67 4.88 25.18
CA LEU A 549 -25.61 4.89 26.17
C LEU A 549 -26.05 4.45 27.55
N SER A 550 -27.34 4.23 27.76
CA SER A 550 -27.86 3.83 29.06
C SER A 550 -27.84 2.32 29.26
N GLU A 551 -27.53 1.55 28.22
CA GLU A 551 -27.57 0.09 28.33
C GLU A 551 -26.38 -0.46 29.10
N VAL A 552 -25.37 0.36 29.36
CA VAL A 552 -24.14 -0.07 30.02
C VAL A 552 -24.07 0.53 31.41
N GLU A 553 -23.66 -0.29 32.39
CA GLU A 553 -23.58 0.16 33.77
C GLU A 553 -22.63 1.36 33.90
N SER A 554 -23.07 2.37 34.65
CA SER A 554 -22.32 3.60 34.87
C SER A 554 -22.48 4.02 36.32
N PRO A 555 -21.47 4.66 36.90
CA PRO A 555 -21.60 5.13 38.30
C PRO A 555 -22.65 6.20 38.51
N SER A 556 -23.10 6.87 37.46
CA SER A 556 -24.12 7.91 37.58
C SER A 556 -25.00 7.87 36.33
N ASP A 557 -25.70 8.97 36.07
CA ASP A 557 -26.59 9.05 34.91
C ASP A 557 -26.36 10.30 34.07
N SER A 558 -25.25 11.00 34.26
CA SER A 558 -25.01 12.22 33.51
C SER A 558 -24.67 11.90 32.05
N PRO A 559 -24.92 12.85 31.13
CA PRO A 559 -24.60 12.59 29.72
C PRO A 559 -23.11 12.58 29.42
N ARG A 560 -22.25 12.83 30.40
CA ARG A 560 -20.82 12.71 30.15
C ARG A 560 -20.24 11.47 30.81
N CYS A 561 -20.80 11.04 31.95
CA CYS A 561 -20.33 9.82 32.60
C CYS A 561 -20.59 8.58 31.76
N MET A 562 -21.74 8.50 31.10
CA MET A 562 -22.08 7.33 30.30
C MET A 562 -21.35 7.28 28.97
N ILE A 563 -20.37 8.14 28.75
CA ILE A 563 -19.52 8.03 27.56
C ILE A 563 -18.26 7.28 27.96
N GLN A 564 -17.61 7.71 29.05
CA GLN A 564 -16.45 6.98 29.53
C GLN A 564 -16.82 5.64 30.16
N SER A 565 -18.03 5.51 30.72
CA SER A 565 -18.45 4.20 31.19
C SER A 565 -18.61 3.20 30.05
N ARG A 566 -18.63 3.67 28.81
CA ARG A 566 -18.66 2.80 27.64
C ARG A 566 -17.27 2.67 27.01
N ILE A 567 -16.44 3.71 27.13
CA ILE A 567 -15.04 3.58 26.76
C ILE A 567 -14.38 2.48 27.59
N ALA A 568 -14.71 2.42 28.88
CA ALA A 568 -14.15 1.42 29.77
C ALA A 568 -14.63 0.01 29.49
N ASP A 569 -15.67 -0.17 28.68
CA ASP A 569 -16.08 -1.50 28.26
C ASP A 569 -15.50 -1.89 26.92
N THR A 570 -15.43 -0.94 25.98
CA THR A 570 -14.76 -1.20 24.73
C THR A 570 -13.30 -1.55 24.95
N SER A 571 -12.64 -0.87 25.90
CA SER A 571 -11.25 -1.18 26.18
C SER A 571 -11.07 -2.61 26.68
N ARG A 572 -11.92 -3.05 27.60
CA ARG A 572 -11.80 -4.41 28.14
C ARG A 572 -12.06 -5.46 27.06
N ARG A 573 -13.08 -5.25 26.22
CA ARG A 573 -13.35 -6.22 25.16
C ARG A 573 -12.17 -6.31 24.18
N LEU A 574 -11.64 -5.17 23.76
CA LEU A 574 -10.52 -5.20 22.83
C LEU A 574 -9.30 -5.84 23.47
N ASN A 575 -9.07 -5.59 24.77
CA ASN A 575 -7.91 -6.17 25.43
C ASN A 575 -8.03 -7.68 25.59
N SER A 576 -9.22 -8.17 25.90
CA SER A 576 -9.41 -9.62 25.95
C SER A 576 -9.16 -10.26 24.61
N PHE A 577 -9.66 -9.64 23.52
CA PHE A 577 -9.33 -10.16 22.20
C PHE A 577 -7.83 -10.14 21.93
N LYS A 578 -7.14 -9.06 22.32
CA LYS A 578 -5.72 -8.95 22.06
C LYS A 578 -4.92 -10.04 22.77
N TYR A 579 -5.29 -10.35 24.02
CA TYR A 579 -4.59 -11.43 24.71
C TYR A 579 -4.90 -12.78 24.09
N GLN A 580 -6.18 -13.08 23.88
CA GLN A 580 -6.55 -14.43 23.45
C GLN A 580 -6.03 -14.75 22.06
N MET A 581 -6.02 -13.78 21.15
CA MET A 581 -5.51 -14.07 19.82
C MET A 581 -4.00 -14.10 19.76
N ASN A 582 -3.30 -13.49 20.72
CA ASN A 582 -1.85 -13.56 20.77
C ASN A 582 -1.35 -14.85 21.40
N LYS A 583 -2.11 -15.43 22.32
CA LYS A 583 -1.73 -16.72 22.88
C LYS A 583 -1.59 -17.79 21.80
N GLU A 584 -2.29 -17.66 20.68
CA GLU A 584 -2.31 -18.67 19.63
C GLU A 584 -1.37 -18.35 18.48
N GLY A 585 -0.66 -17.23 18.52
CA GLY A 585 0.21 -16.88 17.42
C GLY A 585 -0.50 -16.31 16.22
N TYR A 586 -1.73 -15.81 16.39
CA TYR A 586 -2.53 -15.22 15.32
C TYR A 586 -2.75 -16.22 14.18
N GLN A 587 -3.48 -17.30 14.50
CA GLN A 587 -3.65 -18.38 13.54
C GLN A 587 -4.41 -17.92 12.30
N ASP A 588 -5.67 -17.52 12.47
CA ASP A 588 -6.47 -17.05 11.35
C ASP A 588 -6.05 -15.64 10.95
N LEU A 589 -6.17 -15.35 9.66
CA LEU A 589 -5.67 -14.10 9.09
C LEU A 589 -6.78 -13.07 8.92
N ALA A 590 -7.88 -13.46 8.26
CA ALA A 590 -9.03 -12.58 8.16
C ALA A 590 -9.64 -12.28 9.51
N GLU A 591 -9.29 -13.05 10.53
CA GLU A 591 -9.77 -12.80 11.88
C GLU A 591 -8.90 -11.77 12.60
N ALA A 592 -7.63 -11.64 12.19
CA ALA A 592 -6.76 -10.61 12.76
C ALA A 592 -6.91 -9.28 12.02
N LEU A 593 -7.25 -9.34 10.73
CA LEU A 593 -7.50 -8.10 9.99
C LEU A 593 -8.69 -7.33 10.54
N ARG A 594 -9.64 -8.01 11.18
CA ARG A 594 -10.75 -7.33 11.84
C ARG A 594 -10.31 -6.66 13.14
N LEU A 595 -9.45 -7.33 13.90
CA LEU A 595 -8.89 -6.73 15.11
C LEU A 595 -8.10 -5.48 14.78
N LEU A 596 -7.40 -5.47 13.65
CA LEU A 596 -6.69 -4.26 13.24
C LEU A 596 -7.65 -3.08 13.01
N ASP A 597 -8.78 -3.30 12.34
CA ASP A 597 -9.79 -2.26 12.21
C ASP A 597 -10.30 -1.79 13.57
N ALA A 598 -10.60 -2.75 14.45
CA ALA A 598 -11.11 -2.37 15.77
C ALA A 598 -10.13 -1.46 16.50
N MET A 599 -8.85 -1.80 16.46
CA MET A 599 -7.81 -0.99 17.11
C MET A 599 -7.63 0.38 16.45
N ASP A 600 -7.66 0.44 15.12
CA ASP A 600 -7.55 1.72 14.44
C ASP A 600 -8.70 2.65 14.81
N SER A 601 -9.92 2.11 14.86
CA SER A 601 -11.06 2.93 15.24
C SER A 601 -10.98 3.36 16.70
N TYR A 602 -10.49 2.48 17.58
CA TYR A 602 -10.35 2.83 18.99
C TYR A 602 -9.34 3.96 19.19
N ASN A 603 -8.26 3.97 18.40
CA ASN A 603 -7.32 5.07 18.47
C ASN A 603 -8.00 6.41 18.27
N SER A 604 -8.77 6.54 17.18
CA SER A 604 -9.47 7.78 16.89
C SER A 604 -10.56 8.08 17.88
N LEU A 605 -11.16 7.06 18.51
CA LEU A 605 -12.08 7.34 19.61
C LEU A 605 -11.36 8.05 20.75
N LEU A 606 -10.25 7.49 21.20
CA LEU A 606 -9.53 8.12 22.32
C LEU A 606 -8.98 9.48 21.94
N GLU A 607 -8.48 9.63 20.72
CA GLU A 607 -7.90 10.90 20.30
C GLU A 607 -8.93 12.02 20.35
N SER A 608 -10.13 11.78 19.84
CA SER A 608 -11.20 12.75 19.93
C SER A 608 -11.73 12.91 21.36
N TYR A 609 -11.54 11.90 22.21
CA TYR A 609 -12.01 12.02 23.59
C TYR A 609 -11.31 13.14 24.34
N GLN A 610 -9.99 13.28 24.18
CA GLN A 610 -9.20 14.24 24.95
C GLN A 610 -9.19 15.61 24.31
N ARG A 611 -10.18 15.93 23.48
CA ARG A 611 -10.30 17.24 22.86
C ARG A 611 -11.60 17.94 23.21
N MET A 612 -12.42 17.37 24.10
CA MET A 612 -13.74 17.93 24.35
C MET A 612 -13.66 19.35 24.87
N HIS A 613 -12.69 19.64 25.73
CA HIS A 613 -12.46 21.02 26.13
C HIS A 613 -11.73 21.80 25.04
N LEU A 614 -10.78 21.15 24.35
CA LEU A 614 -9.86 21.84 23.44
C LEU A 614 -10.53 22.00 22.07
N SER A 615 -11.67 22.66 22.09
CA SER A 615 -12.46 22.86 20.87
C SER A 615 -11.89 23.98 20.01
N ASP A 627 1.51 5.51 18.57
CA ASP A 627 2.37 4.46 19.09
C ASP A 627 2.90 3.57 17.97
N THR A 628 3.98 2.84 18.27
CA THR A 628 4.60 1.93 17.30
C THR A 628 4.22 0.47 17.54
N LYS A 629 3.39 0.21 18.55
CA LYS A 629 2.87 -1.13 18.77
C LYS A 629 1.60 -1.42 17.98
N ARG A 630 1.02 -0.41 17.35
CA ARG A 630 -0.11 -0.59 16.46
C ARG A 630 0.30 -0.52 15.00
N ALA A 631 1.43 0.10 14.71
CA ALA A 631 2.00 0.11 13.38
C ALA A 631 2.94 -1.06 13.13
N SER A 632 3.16 -1.90 14.15
CA SER A 632 3.91 -3.14 14.00
C SER A 632 3.00 -4.36 13.80
N PHE A 633 1.82 -4.35 14.43
CA PHE A 633 0.83 -5.37 14.15
C PHE A 633 0.38 -5.31 12.69
N ARG A 634 0.24 -4.10 12.14
CA ARG A 634 -0.11 -3.95 10.73
C ARG A 634 0.98 -4.50 9.82
N ASP A 635 2.24 -4.23 10.15
CA ASP A 635 3.35 -4.80 9.38
C ASP A 635 3.36 -6.32 9.43
N LEU A 636 3.16 -6.89 10.61
CA LEU A 636 3.10 -8.34 10.74
C LEU A 636 1.94 -8.91 9.93
N LEU A 637 0.78 -8.26 9.95
CA LEU A 637 -0.37 -8.76 9.20
C LEU A 637 -0.12 -8.71 7.70
N ARG A 638 0.49 -7.63 7.21
CA ARG A 638 0.83 -7.61 5.79
C ARG A 638 1.80 -8.73 5.42
N ARG A 639 2.81 -8.98 6.25
CA ARG A 639 3.75 -10.06 5.94
C ARG A 639 3.07 -11.42 5.98
N ARG A 640 2.16 -11.64 6.92
CA ARG A 640 1.43 -12.90 6.96
C ARG A 640 0.56 -13.10 5.74
N VAL A 641 -0.09 -12.02 5.26
CA VAL A 641 -0.90 -12.13 4.05
C VAL A 641 -0.03 -12.49 2.84
N ALA A 642 1.11 -11.79 2.71
CA ALA A 642 2.02 -12.08 1.61
C ALA A 642 2.58 -13.49 1.66
N HIS A 643 2.78 -14.05 2.85
CA HIS A 643 3.25 -15.44 2.94
C HIS A 643 2.14 -16.43 2.62
N THR A 644 0.92 -16.15 3.09
CA THR A 644 -0.22 -17.02 2.78
C THR A 644 -0.46 -17.10 1.28
N ILE A 645 -0.26 -16.01 0.57
CA ILE A 645 -0.39 -16.06 -0.89
C ILE A 645 0.71 -16.90 -1.52
N VAL A 646 1.97 -16.68 -1.11
CA VAL A 646 3.08 -17.32 -1.83
C VAL A 646 3.15 -18.81 -1.52
N GLU A 647 2.60 -19.24 -0.38
CA GLU A 647 2.65 -20.67 -0.08
C GLU A 647 1.77 -21.48 -1.02
N TYR A 648 0.62 -20.92 -1.43
CA TYR A 648 -0.29 -21.64 -2.32
C TYR A 648 0.26 -21.74 -3.73
N PHE A 649 0.78 -20.63 -4.27
CA PHE A 649 1.23 -20.57 -5.65
C PHE A 649 2.71 -20.92 -5.79
N ASP A 650 3.19 -21.84 -4.95
CA ASP A 650 4.62 -22.18 -4.95
C ASP A 650 5.05 -22.78 -6.29
N ASP A 651 4.21 -23.64 -6.88
CA ASP A 651 4.55 -24.28 -8.14
C ASP A 651 4.18 -23.43 -9.35
N CYS A 652 3.50 -22.30 -9.16
CA CYS A 652 3.10 -21.46 -10.27
C CYS A 652 4.31 -20.69 -10.82
N ASP A 653 4.08 -20.04 -11.95
CA ASP A 653 5.08 -19.19 -12.58
C ASP A 653 4.71 -17.71 -12.54
N ILE A 654 3.45 -17.38 -12.77
CA ILE A 654 2.95 -16.01 -12.76
C ILE A 654 1.67 -15.98 -11.94
N VAL A 655 1.44 -14.86 -11.26
CA VAL A 655 0.20 -14.63 -10.52
C VAL A 655 -0.35 -13.27 -10.93
N PHE A 656 -1.67 -13.16 -11.02
CA PHE A 656 -2.34 -11.95 -11.46
C PHE A 656 -3.08 -11.31 -10.29
N PHE A 657 -2.87 -10.01 -10.12
CA PHE A 657 -3.54 -9.21 -9.10
C PHE A 657 -4.14 -7.97 -9.76
N GLU A 658 -5.29 -7.53 -9.27
CA GLU A 658 -5.90 -6.32 -9.81
C GLU A 658 -5.14 -5.09 -9.33
N ASP A 659 -5.04 -4.09 -10.21
CA ASP A 659 -4.27 -2.89 -9.92
C ASP A 659 -4.99 -2.08 -8.86
N LEU A 660 -4.57 -2.21 -7.61
CA LEU A 660 -5.17 -1.48 -6.49
C LEU A 660 -4.44 -0.17 -6.25
N ASP A 661 -4.26 0.60 -7.31
CA ASP A 661 -3.61 1.91 -7.28
C ASP A 661 -2.30 1.90 -6.50
N ASN A 671 -11.96 -0.77 -2.12
CA ASN A 671 -11.83 -2.01 -1.37
C ASN A 671 -11.56 -1.71 0.11
N ALA A 672 -12.29 -2.39 0.98
CA ALA A 672 -12.19 -2.11 2.41
C ALA A 672 -10.91 -2.63 3.03
N LEU A 673 -10.20 -3.53 2.34
CA LEU A 673 -8.96 -4.09 2.88
C LEU A 673 -7.72 -3.37 2.38
N VAL A 674 -7.74 -2.82 1.16
CA VAL A 674 -6.59 -2.10 0.66
C VAL A 674 -6.37 -0.81 1.45
N LYS A 675 -7.44 -0.15 1.88
CA LYS A 675 -7.32 1.01 2.73
C LYS A 675 -6.99 0.67 4.18
N LEU A 676 -7.18 -0.58 4.59
CA LEU A 676 -6.84 -0.98 5.96
C LEU A 676 -5.34 -1.21 6.11
N LEU A 677 -4.75 -2.04 5.25
CA LEU A 677 -3.32 -2.31 5.38
C LEU A 677 -2.52 -1.16 4.78
N SER A 678 -2.57 -1.02 3.45
CA SER A 678 -2.05 0.13 2.73
C SER A 678 -2.31 -0.08 1.24
N PRO A 679 -2.47 0.98 0.45
CA PRO A 679 -2.66 0.77 -0.99
C PRO A 679 -1.35 0.57 -1.73
N ARG A 680 -0.23 0.93 -1.10
CA ARG A 680 1.06 0.87 -1.76
C ARG A 680 2.02 -0.16 -1.18
N THR A 681 1.92 -0.45 0.12
CA THR A 681 2.86 -1.38 0.75
C THR A 681 2.39 -2.82 0.75
N LEU A 682 1.08 -3.07 0.77
CA LEU A 682 0.59 -4.44 0.69
C LEU A 682 1.01 -5.09 -0.62
N LEU A 683 0.88 -4.36 -1.73
CA LEU A 683 1.38 -4.85 -3.01
C LEU A 683 2.89 -5.05 -2.99
N LEU A 684 3.63 -4.16 -2.33
CA LEU A 684 5.08 -4.30 -2.21
C LEU A 684 5.46 -5.56 -1.43
N TYR A 685 4.77 -5.84 -0.33
CA TYR A 685 5.05 -7.04 0.45
C TYR A 685 4.69 -8.31 -0.32
N ILE A 686 3.56 -8.30 -1.02
CA ILE A 686 3.20 -9.46 -1.84
C ILE A 686 4.26 -9.69 -2.90
N ARG A 687 4.72 -8.60 -3.53
CA ARG A 687 5.74 -8.72 -4.57
C ARG A 687 7.04 -9.28 -4.00
N GLN A 688 7.44 -8.82 -2.81
CA GLN A 688 8.64 -9.34 -2.19
C GLN A 688 8.52 -10.82 -1.85
N ALA A 689 7.38 -11.23 -1.29
CA ALA A 689 7.18 -12.63 -0.93
C ALA A 689 7.23 -13.53 -2.17
N LEU A 690 6.54 -13.13 -3.25
CA LEU A 690 6.60 -13.92 -4.47
C LEU A 690 7.99 -13.91 -5.09
N GLU A 691 8.67 -12.76 -5.08
CA GLU A 691 10.00 -12.64 -5.64
C GLU A 691 11.00 -13.52 -4.89
N LYS A 692 10.74 -13.78 -3.60
CA LYS A 692 11.58 -14.68 -2.82
C LYS A 692 11.73 -16.05 -3.45
N ARG A 693 10.70 -16.52 -4.18
CA ARG A 693 10.69 -17.87 -4.74
C ARG A 693 10.81 -17.88 -6.26
N GLY A 694 11.22 -16.76 -6.86
CA GLY A 694 11.35 -16.71 -8.30
C GLY A 694 10.03 -16.81 -9.03
N ILE A 695 9.01 -16.10 -8.55
CA ILE A 695 7.69 -16.07 -9.15
C ILE A 695 7.37 -14.63 -9.53
N GLY A 696 6.90 -14.42 -10.76
CA GLY A 696 6.53 -13.10 -11.19
C GLY A 696 5.14 -12.70 -10.71
N MET A 697 4.82 -11.42 -10.89
CA MET A 697 3.50 -10.90 -10.53
C MET A 697 3.12 -9.82 -11.53
N VAL A 698 1.84 -9.82 -11.94
CA VAL A 698 1.34 -8.92 -12.96
C VAL A 698 0.08 -8.24 -12.42
N GLU A 699 -0.03 -6.94 -12.62
CA GLU A 699 -1.14 -6.13 -12.14
C GLU A 699 -2.01 -5.69 -13.30
N VAL A 700 -3.30 -6.01 -13.22
CA VAL A 700 -4.24 -5.79 -14.32
C VAL A 700 -5.28 -4.77 -13.90
N ALA A 701 -5.96 -4.21 -14.89
CA ALA A 701 -6.97 -3.18 -14.64
C ALA A 701 -8.11 -3.74 -13.80
N LYS A 702 -8.54 -2.96 -12.82
CA LYS A 702 -9.56 -3.40 -11.87
C LYS A 702 -10.97 -3.00 -12.26
N ASP A 703 -11.17 -2.43 -13.45
CA ASP A 703 -12.47 -1.91 -13.84
C ASP A 703 -13.36 -3.06 -14.33
N GLY A 704 -14.50 -3.24 -13.69
CA GLY A 704 -15.52 -4.15 -14.16
C GLY A 704 -15.25 -5.63 -13.95
N THR A 705 -14.20 -5.98 -13.21
CA THR A 705 -13.85 -7.38 -13.00
C THR A 705 -14.79 -8.10 -12.05
N SER A 706 -15.85 -7.45 -11.59
CA SER A 706 -16.78 -8.11 -10.68
C SER A 706 -18.23 -7.97 -11.15
N GLN A 707 -18.46 -7.66 -12.42
CA GLN A 707 -19.81 -7.51 -12.96
C GLN A 707 -20.07 -8.30 -14.22
N ASN A 708 -19.05 -8.68 -14.98
CA ASN A 708 -19.24 -9.41 -16.23
C ASN A 708 -19.52 -10.89 -15.96
N ASN A 709 -20.01 -11.57 -16.98
CA ASN A 709 -20.21 -13.01 -16.94
C ASN A 709 -19.01 -13.69 -17.57
N PRO A 710 -18.25 -14.50 -16.83
CA PRO A 710 -17.01 -15.07 -17.41
C PRO A 710 -17.24 -15.89 -18.66
N ILE A 711 -18.37 -16.58 -18.77
CA ILE A 711 -18.61 -17.45 -19.91
C ILE A 711 -19.13 -16.67 -21.11
N SER A 712 -20.18 -15.87 -20.91
CA SER A 712 -20.86 -15.19 -22.02
C SER A 712 -20.34 -13.80 -22.30
N GLY A 713 -19.77 -13.12 -21.31
CA GLY A 713 -19.24 -11.78 -21.51
C GLY A 713 -20.24 -10.66 -21.37
N HIS A 714 -21.45 -10.95 -20.91
CA HIS A 714 -22.51 -9.96 -20.75
C HIS A 714 -22.43 -9.31 -19.38
N VAL A 715 -23.16 -8.20 -19.22
CA VAL A 715 -23.15 -7.48 -17.96
C VAL A 715 -24.06 -8.18 -16.96
N GLY A 716 -23.67 -8.12 -15.68
CA GLY A 716 -24.48 -8.67 -14.62
C GLY A 716 -24.69 -7.65 -13.52
N TRP A 717 -25.70 -7.90 -12.71
CA TRP A 717 -26.07 -7.02 -11.61
C TRP A 717 -25.74 -7.71 -10.30
N ARG A 718 -24.90 -7.07 -9.48
CA ARG A 718 -24.48 -7.65 -8.22
C ARG A 718 -25.60 -7.50 -7.19
N ASN A 719 -25.92 -8.60 -6.51
CA ASN A 719 -27.00 -8.61 -5.53
C ASN A 719 -26.62 -7.74 -4.35
N LYS A 720 -27.29 -6.60 -4.20
CA LYS A 720 -27.00 -5.70 -3.09
C LYS A 720 -27.33 -6.35 -1.75
N GLN A 721 -28.44 -7.11 -1.69
CA GLN A 721 -28.84 -7.74 -0.44
C GLN A 721 -27.81 -8.76 0.02
N ASN A 722 -27.27 -9.55 -0.92
CA ASN A 722 -26.29 -10.58 -0.63
C ASN A 722 -25.07 -10.32 -1.51
N LYS A 723 -24.02 -9.74 -0.92
CA LYS A 723 -22.85 -9.35 -1.71
C LYS A 723 -22.11 -10.53 -2.32
N SER A 724 -22.29 -11.74 -1.79
CA SER A 724 -21.53 -12.88 -2.27
C SER A 724 -22.12 -13.52 -3.53
N GLU A 725 -23.25 -13.03 -4.01
CA GLU A 725 -23.91 -13.60 -5.20
C GLU A 725 -24.07 -12.52 -6.26
N ILE A 726 -23.85 -12.90 -7.52
CA ILE A 726 -24.01 -12.01 -8.66
C ILE A 726 -24.93 -12.70 -9.66
N TYR A 727 -25.83 -11.94 -10.26
CA TYR A 727 -26.90 -12.48 -11.10
C TYR A 727 -26.73 -12.02 -12.54
N PHE A 728 -27.06 -12.90 -13.48
CA PHE A 728 -26.95 -12.64 -14.91
C PHE A 728 -28.25 -13.05 -15.61
N TYR A 729 -28.34 -12.73 -16.90
CA TYR A 729 -29.52 -13.06 -17.68
C TYR A 729 -29.08 -13.36 -19.11
N GLU A 730 -29.00 -14.65 -19.44
CA GLU A 730 -28.53 -15.09 -20.75
C GLU A 730 -29.57 -16.01 -21.38
N ASP A 731 -30.03 -15.65 -22.58
CA ASP A 731 -30.92 -16.50 -23.38
C ASP A 731 -32.18 -16.89 -22.61
N LYS A 732 -32.95 -15.87 -22.20
CA LYS A 732 -34.25 -16.05 -21.54
C LYS A 732 -34.15 -16.81 -20.22
N GLU A 733 -32.94 -16.92 -19.66
CA GLU A 733 -32.75 -17.59 -18.39
C GLU A 733 -31.88 -16.73 -17.49
N LEU A 734 -32.14 -16.78 -16.18
CA LEU A 734 -31.39 -16.02 -15.21
C LEU A 734 -30.43 -16.95 -14.48
N LEU A 735 -29.16 -16.53 -14.39
CA LEU A 735 -28.12 -17.34 -13.78
C LEU A 735 -27.59 -16.65 -12.53
N VAL A 736 -27.04 -17.45 -11.62
CA VAL A 736 -26.41 -16.97 -10.40
C VAL A 736 -25.04 -17.60 -10.27
N MET A 737 -24.07 -16.82 -9.80
CA MET A 737 -22.67 -17.22 -9.79
C MET A 737 -22.01 -16.64 -8.55
N ASP A 738 -20.91 -17.27 -8.12
CA ASP A 738 -20.24 -16.86 -6.90
C ASP A 738 -19.37 -15.65 -7.17
N ALA A 739 -19.54 -14.61 -6.34
CA ALA A 739 -18.91 -13.31 -6.62
C ALA A 739 -17.39 -13.41 -6.60
N ASP A 740 -16.83 -14.11 -5.60
CA ASP A 740 -15.38 -14.18 -5.47
C ASP A 740 -14.75 -14.97 -6.62
N GLU A 741 -15.36 -16.10 -6.98
CA GLU A 741 -14.89 -16.87 -8.11
C GLU A 741 -15.04 -16.11 -9.43
N VAL A 742 -16.13 -15.37 -9.58
CA VAL A 742 -16.30 -14.52 -10.77
C VAL A 742 -15.18 -13.49 -10.84
N GLY A 743 -14.86 -12.86 -9.71
CA GLY A 743 -13.78 -11.89 -9.70
C GLY A 743 -12.43 -12.50 -10.04
N ALA A 744 -12.15 -13.68 -9.48
CA ALA A 744 -10.87 -14.34 -9.77
C ALA A 744 -10.78 -14.74 -11.24
N MET A 745 -11.85 -15.27 -11.80
CA MET A 745 -11.85 -15.65 -13.20
C MET A 745 -11.72 -14.43 -14.11
N ASN A 746 -12.36 -13.32 -13.74
CA ASN A 746 -12.22 -12.10 -14.54
C ASN A 746 -10.81 -11.53 -14.46
N ILE A 747 -10.16 -11.62 -13.29
CA ILE A 747 -8.77 -11.20 -13.19
C ILE A 747 -7.88 -12.07 -14.07
N LEU A 748 -8.12 -13.39 -14.05
CA LEU A 748 -7.36 -14.29 -14.92
C LEU A 748 -7.59 -13.96 -16.39
N CYS A 749 -8.84 -13.71 -16.77
CA CYS A 749 -9.16 -13.43 -18.16
C CYS A 749 -8.55 -12.11 -18.63
N ARG A 750 -8.55 -11.09 -17.77
CA ARG A 750 -7.92 -9.83 -18.11
C ARG A 750 -6.40 -9.96 -18.18
N GLY A 751 -5.82 -10.79 -17.30
CA GLY A 751 -4.38 -11.01 -17.37
C GLY A 751 -3.97 -11.73 -18.63
N LEU A 752 -4.73 -12.77 -19.01
CA LEU A 752 -4.48 -13.49 -20.24
C LEU A 752 -4.79 -12.67 -21.48
N ASN A 753 -5.51 -11.55 -21.33
CA ASN A 753 -5.81 -10.64 -22.43
C ASN A 753 -5.04 -9.34 -22.34
N HIS A 754 -4.14 -9.21 -21.36
CA HIS A 754 -3.32 -8.01 -21.17
C HIS A 754 -4.15 -6.77 -20.89
N SER A 755 -5.42 -6.97 -20.50
CA SER A 755 -6.35 -5.89 -20.19
C SER A 755 -6.52 -4.93 -21.36
N VAL A 756 -6.52 -5.48 -22.58
CA VAL A 756 -6.63 -4.63 -23.76
C VAL A 756 -8.10 -4.47 -24.15
N CYS A 757 -8.96 -5.34 -23.66
CA CYS A 757 -10.38 -5.17 -23.88
C CYS A 757 -10.96 -4.30 -22.77
N PRO A 758 -11.40 -3.08 -23.06
CA PRO A 758 -11.89 -2.19 -22.02
C PRO A 758 -13.30 -2.56 -21.57
N TYR A 759 -13.76 -1.85 -20.56
CA TYR A 759 -15.09 -2.03 -19.99
C TYR A 759 -15.92 -0.76 -20.21
N SER A 760 -15.24 0.39 -20.20
CA SER A 760 -15.87 1.68 -20.36
C SER A 760 -14.83 2.67 -20.88
N PHE A 761 -15.27 3.57 -21.75
CA PHE A 761 -14.37 4.61 -22.23
C PHE A 761 -15.19 5.82 -22.67
N VAL A 762 -14.55 6.99 -22.58
CA VAL A 762 -15.15 8.23 -23.06
C VAL A 762 -15.02 8.29 -24.57
N THR A 763 -15.80 9.15 -25.21
CA THR A 763 -15.78 9.25 -26.66
C THR A 763 -15.06 10.51 -27.12
N TYR A 778 -7.94 8.03 -25.23
CA TYR A 778 -8.14 6.58 -25.35
C TYR A 778 -7.04 5.81 -24.64
N GLY A 779 -5.84 5.82 -25.22
CA GLY A 779 -4.72 5.09 -24.69
C GLY A 779 -4.36 3.87 -25.53
N LYS A 780 -3.26 3.23 -25.14
CA LYS A 780 -2.75 2.10 -25.91
C LYS A 780 -3.73 0.94 -25.92
N ARG A 781 -4.34 0.64 -24.77
CA ARG A 781 -5.23 -0.51 -24.67
C ARG A 781 -6.44 -0.35 -25.58
N VAL A 782 -7.12 0.79 -25.49
CA VAL A 782 -8.32 1.01 -26.30
C VAL A 782 -7.95 1.15 -27.76
N LYS A 783 -6.78 1.72 -28.06
CA LYS A 783 -6.34 1.81 -29.45
C LYS A 783 -6.15 0.44 -30.06
N ARG A 784 -5.48 -0.47 -29.35
CA ARG A 784 -5.31 -1.83 -29.86
C ARG A 784 -6.65 -2.56 -29.96
N PHE A 785 -7.51 -2.38 -28.97
CA PHE A 785 -8.87 -2.92 -29.05
C PHE A 785 -9.59 -2.49 -30.32
N LEU A 786 -9.57 -1.18 -30.62
CA LEU A 786 -10.27 -0.71 -31.81
C LEU A 786 -9.59 -1.23 -33.08
N LYS A 787 -8.27 -1.36 -33.06
CA LYS A 787 -7.57 -1.87 -34.23
C LYS A 787 -7.93 -3.32 -34.52
N ASP A 788 -8.10 -4.13 -33.47
CA ASP A 788 -8.34 -5.55 -33.67
C ASP A 788 -9.83 -5.87 -33.83
N ARG A 789 -10.66 -5.45 -32.87
CA ARG A 789 -12.08 -5.76 -32.92
C ARG A 789 -12.75 -5.11 -34.12
N TYR A 790 -12.38 -3.87 -34.41
CA TYR A 790 -12.94 -3.12 -35.54
C TYR A 790 -11.83 -2.80 -36.54
N GLY A 791 -12.19 -2.04 -37.58
CA GLY A 791 -11.26 -1.83 -38.69
C GLY A 791 -10.02 -1.06 -38.29
N SER A 792 -10.20 0.03 -37.56
CA SER A 792 -9.10 0.94 -37.27
C SER A 792 -9.35 1.60 -35.91
N SER A 793 -8.45 2.50 -35.53
CA SER A 793 -8.52 3.18 -34.25
C SER A 793 -9.08 4.60 -34.35
N ASN A 794 -8.68 5.36 -35.37
CA ASN A 794 -9.16 6.73 -35.56
C ASN A 794 -10.51 6.69 -36.29
N VAL A 795 -11.55 6.33 -35.55
CA VAL A 795 -12.89 6.16 -36.11
C VAL A 795 -13.89 6.81 -35.16
N ARG A 796 -14.88 7.49 -35.74
CA ARG A 796 -15.96 8.09 -34.96
C ARG A 796 -17.03 7.05 -34.64
N PHE A 797 -17.87 7.38 -33.66
CA PHE A 797 -18.93 6.49 -33.20
C PHE A 797 -20.27 7.19 -33.31
N LEU A 798 -21.29 6.47 -33.79
CA LEU A 798 -22.62 7.01 -33.96
C LEU A 798 -23.65 6.04 -33.39
N VAL A 799 -24.65 6.59 -32.70
CA VAL A 799 -25.68 5.76 -32.09
C VAL A 799 -26.66 5.28 -33.16
N ALA A 800 -27.23 4.10 -32.92
CA ALA A 800 -28.18 3.51 -33.84
C ALA A 800 -29.08 2.54 -33.09
N SER A 801 -30.19 2.18 -33.73
CA SER A 801 -31.19 1.25 -33.18
C SER A 801 -31.66 1.79 -31.83
N MET A 802 -31.70 0.99 -30.77
CA MET A 802 -32.15 1.42 -29.45
C MET A 802 -31.06 1.10 -28.43
N GLY A 803 -30.11 2.03 -28.27
CA GLY A 803 -29.01 1.87 -27.34
C GLY A 803 -27.79 1.20 -27.91
N PHE A 804 -27.87 0.63 -29.11
CA PHE A 804 -26.71 0.04 -29.74
C PHE A 804 -25.84 1.11 -30.38
N VAL A 805 -24.60 0.74 -30.68
CA VAL A 805 -23.63 1.67 -31.24
C VAL A 805 -23.02 1.04 -32.49
N THR A 806 -23.05 1.78 -33.59
CA THR A 806 -22.45 1.36 -34.84
C THR A 806 -21.17 2.15 -35.09
N VAL A 807 -20.08 1.44 -35.35
CA VAL A 807 -18.79 2.08 -35.58
C VAL A 807 -18.68 2.42 -37.06
N THR A 808 -18.63 3.73 -37.36
CA THR A 808 -18.67 4.22 -38.74
C THR A 808 -17.37 4.97 -39.02
N THR A 809 -16.62 4.50 -40.01
CA THR A 809 -15.39 5.17 -40.42
C THR A 809 -15.68 6.20 -41.52
N ALA A 815 -22.96 12.75 -34.53
CA ALA A 815 -22.12 11.85 -33.74
C ALA A 815 -22.20 12.20 -32.27
N LEU A 816 -21.41 11.50 -31.45
CA LEU A 816 -21.39 11.69 -30.01
C LEU A 816 -19.97 11.96 -29.55
N VAL A 817 -19.83 12.78 -28.51
CA VAL A 817 -18.54 13.09 -27.90
C VAL A 817 -18.70 13.08 -26.39
N GLY A 818 -17.69 12.55 -25.71
CA GLY A 818 -17.69 12.51 -24.26
C GLY A 818 -18.79 11.69 -23.64
N LYS A 819 -19.00 10.48 -24.16
CA LYS A 819 -20.06 9.60 -23.69
C LYS A 819 -19.50 8.27 -23.22
N ARG A 820 -20.30 7.59 -22.40
CA ARG A 820 -19.96 6.26 -21.89
C ARG A 820 -20.31 5.21 -22.94
N LEU A 821 -19.30 4.51 -23.44
CA LEU A 821 -19.50 3.40 -24.35
C LEU A 821 -19.01 2.11 -23.70
N TYR A 822 -19.87 1.11 -23.66
CA TYR A 822 -19.65 -0.08 -22.85
C TYR A 822 -19.63 -1.32 -23.74
N TYR A 823 -18.73 -2.24 -23.44
CA TYR A 823 -18.60 -3.49 -24.19
C TYR A 823 -19.33 -4.60 -23.45
N HIS A 824 -20.30 -5.23 -24.11
CA HIS A 824 -21.11 -6.27 -23.49
C HIS A 824 -21.51 -7.27 -24.57
N GLY A 825 -20.93 -8.47 -24.53
CA GLY A 825 -21.33 -9.53 -25.43
C GLY A 825 -20.79 -9.40 -26.84
N GLY A 826 -19.83 -8.53 -27.09
CA GLY A 826 -19.30 -8.31 -28.42
C GLY A 826 -19.81 -7.08 -29.13
N GLU A 827 -20.62 -6.26 -28.47
CA GLU A 827 -21.18 -5.06 -29.08
C GLU A 827 -21.10 -3.91 -28.08
N LEU A 828 -20.85 -2.71 -28.58
CA LEU A 828 -20.87 -1.53 -27.74
C LEU A 828 -22.30 -1.09 -27.48
N VAL A 829 -22.54 -0.56 -26.28
CA VAL A 829 -23.85 -0.05 -25.90
C VAL A 829 -23.66 1.34 -25.29
N THR A 830 -24.78 2.07 -25.21
CA THR A 830 -24.76 3.38 -24.56
C THR A 830 -25.03 3.22 -23.07
N HIS A 831 -24.81 4.33 -22.34
CA HIS A 831 -25.06 4.35 -20.90
C HIS A 831 -26.50 4.00 -20.57
N ASP A 832 -27.44 4.54 -21.35
CA ASP A 832 -28.86 4.28 -21.10
C ASP A 832 -29.18 2.80 -21.28
N LEU A 833 -28.62 2.17 -22.31
CA LEU A 833 -28.91 0.75 -22.53
C LEU A 833 -28.23 -0.13 -21.48
N HIS A 834 -27.06 0.27 -20.97
CA HIS A 834 -26.46 -0.43 -19.85
C HIS A 834 -27.37 -0.37 -18.63
N ASN A 835 -27.90 0.82 -18.33
CA ASN A 835 -28.83 0.94 -17.22
C ASN A 835 -30.08 0.11 -17.47
N ARG A 836 -30.53 0.04 -18.73
CA ARG A 836 -31.68 -0.77 -19.07
C ARG A 836 -31.41 -2.25 -18.79
N MET A 837 -30.23 -2.74 -19.18
CA MET A 837 -29.89 -4.15 -18.93
C MET A 837 -29.84 -4.43 -17.43
N LYS A 838 -29.14 -3.58 -16.68
CA LYS A 838 -29.02 -3.81 -15.24
C LYS A 838 -30.38 -3.73 -14.57
N ASP A 839 -31.30 -3.05 -15.25
CA ASP A 839 -32.68 -2.95 -14.75
C ASP A 839 -33.43 -4.25 -15.06
N GLU A 840 -33.35 -4.69 -16.31
CA GLU A 840 -33.93 -5.97 -16.79
C GLU A 840 -33.67 -7.04 -15.74
N ILE A 841 -32.38 -7.27 -15.45
CA ILE A 841 -31.88 -8.28 -14.49
C ILE A 841 -32.45 -7.99 -13.12
N LYS A 842 -32.30 -6.76 -12.63
CA LYS A 842 -32.79 -6.42 -11.27
C LYS A 842 -34.25 -6.84 -11.10
N TYR A 843 -35.10 -6.40 -12.03
CA TYR A 843 -36.55 -6.71 -12.03
C TYR A 843 -36.78 -8.21 -12.04
N LEU A 844 -36.02 -8.91 -12.88
CA LEU A 844 -36.15 -10.38 -12.98
C LEU A 844 -35.92 -10.99 -11.61
N VAL A 845 -34.88 -10.53 -10.90
CA VAL A 845 -34.67 -11.11 -9.55
C VAL A 845 -35.65 -10.48 -8.59
N GLU A 846 -36.35 -9.39 -8.91
CA GLU A 846 -37.28 -8.99 -7.81
C GLU A 846 -38.61 -9.77 -7.82
N LYS A 847 -38.94 -10.46 -8.92
CA LYS A 847 -40.19 -11.27 -8.99
C LYS A 847 -39.89 -12.74 -8.66
N GLU A 848 -38.77 -13.00 -7.97
CA GLU A 848 -38.30 -14.34 -7.51
C GLU A 848 -38.01 -15.30 -8.68
N VAL A 849 -37.71 -14.83 -9.90
CA VAL A 849 -37.50 -15.78 -11.03
C VAL A 849 -36.41 -16.79 -10.67
N LEU A 850 -36.63 -18.09 -10.93
CA LEU A 850 -35.64 -19.14 -10.55
C LEU A 850 -34.35 -19.10 -11.38
N ALA A 851 -33.24 -18.82 -10.71
CA ALA A 851 -31.93 -18.75 -11.39
C ALA A 851 -31.33 -20.15 -11.50
N ARG A 852 -30.22 -20.27 -12.22
CA ARG A 852 -29.50 -21.55 -12.26
C ARG A 852 -28.18 -21.37 -11.52
N ARG A 853 -27.56 -22.45 -11.05
CA ARG A 853 -26.23 -22.31 -10.41
C ARG A 853 -25.20 -22.84 -11.40
N VAL A 854 -24.28 -22.00 -11.78
CA VAL A 854 -23.26 -22.27 -12.79
C VAL A 854 -21.90 -22.26 -12.11
N SER A 855 -21.10 -23.28 -12.39
CA SER A 855 -19.78 -23.44 -11.78
C SER A 855 -18.72 -23.14 -12.83
N LEU A 856 -17.66 -22.45 -12.40
CA LEU A 856 -16.60 -22.06 -13.34
C LEU A 856 -15.60 -23.18 -13.60
N SER A 857 -15.55 -24.17 -12.72
CA SER A 857 -14.56 -25.24 -12.80
C SER A 857 -15.04 -26.42 -13.63
N ASP A 858 -16.26 -26.38 -14.14
CA ASP A 858 -16.76 -27.46 -14.99
C ASP A 858 -15.89 -27.59 -16.24
N SER A 859 -15.67 -28.83 -16.66
CA SER A 859 -14.84 -29.12 -17.82
C SER A 859 -15.63 -29.20 -19.11
N THR A 860 -16.95 -29.01 -19.06
CA THR A 860 -17.78 -28.99 -20.25
C THR A 860 -17.91 -27.60 -20.86
N ILE A 861 -17.23 -26.61 -20.29
CA ILE A 861 -17.28 -25.25 -20.83
C ILE A 861 -16.49 -25.21 -22.14
N LYS A 862 -17.14 -24.72 -23.20
CA LYS A 862 -16.46 -24.63 -24.49
C LYS A 862 -15.45 -23.48 -24.50
N SER A 863 -15.82 -22.33 -23.97
CA SER A 863 -14.93 -21.18 -23.99
C SER A 863 -15.33 -20.19 -22.89
N TYR A 864 -14.39 -19.31 -22.57
CA TYR A 864 -14.63 -18.14 -21.73
C TYR A 864 -14.47 -16.90 -22.60
N LYS A 865 -15.50 -16.07 -22.64
CA LYS A 865 -15.53 -14.95 -23.57
C LYS A 865 -15.42 -13.58 -22.91
N SER A 866 -15.42 -13.50 -21.58
CA SER A 866 -15.27 -12.21 -20.92
C SER A 866 -13.93 -11.59 -21.26
N PHE A 867 -13.96 -10.29 -21.56
CA PHE A 867 -12.76 -9.54 -21.91
C PHE A 867 -12.00 -10.21 -23.05
N ALA A 868 -12.75 -10.76 -24.00
CA ALA A 868 -12.20 -11.41 -25.19
C ALA A 868 -12.79 -10.73 -26.42
N HIS A 869 -11.94 -10.00 -27.15
CA HIS A 869 -12.36 -9.26 -28.33
C HIS A 869 -11.90 -9.91 -29.63
N VAL A 870 -11.15 -11.01 -29.56
CA VAL A 870 -10.68 -11.69 -30.76
C VAL A 870 -11.53 -12.91 -31.03
#